data_6Q6Z
#
_entry.id   6Q6Z
#
_cell.length_a   142.192
_cell.length_b   142.192
_cell.length_c   97.802
_cell.angle_alpha   90.00
_cell.angle_beta   90.00
_cell.angle_gamma   120.00
#
_symmetry.space_group_name_H-M   'P 3 2 1'
#
loop_
_entity.id
_entity.type
_entity.pdbx_description
1 polymer 'Protein EDS1L'
2 polymer 'EDS1-SPECIFIC NANOBODY'
#
loop_
_entity_poly.entity_id
_entity_poly.type
_entity_poly.pdbx_seq_one_letter_code
_entity_poly.pdbx_strand_id
1 'polypeptide(L)'
;MAFEALTGINGDLITRSWSASKQAYLTERYHKEEAGAVVIFAFQPSFSEKDFFDPDNKSSFGEIKLNRVQFPCMRKIGKG
DVATVNEAFLKNLEAVIDPRTSFQASVEMAVRSRKQIVFTGHSSGGATAILATVWYLEKYFIRNPNVYLEPRCVTFGAPL
VGDSIFSHALGREKWSRFFVNFVTRFDIVPRITLARKASVEETLPHVLAQLDPRNSSVQESEQRITEFYTSVMRDTSTVA
NQAVCELTGSAEAILETLSSFLELSPYRPAGTFVFSTEKRLVAVNNSDAILQMLFYTCQASDEQEWSLIPFRSIRDHHSY
EELVQSMGMKLFNHLDGENSIESSLNDLGVSTRGRQYVQAALEEEKKRVENQKKIIQVIQQERFLKKLAWIEDEYKPKCQ
AHKNGYYDSFKVSNEENDFKANVKRAELAGVFDEVLGLLKKCQLPDEFEGDIDWIKLATRYRRLVEPLDIANYHRHLKNE
DTGPYMKRGRPTRYIYAQRGYEHHILKPNGMIAEDVFWNKVNGLNLGLQLEEIQETLKNSGSECGSCFWAEVEELKGKPY
EEVEVRVKTLEGMLREWITAGEVDEKEIFLEGSTFRKWWITLPKNHKSHSPLRDYMMDEITDTLEHHHHHH
;
A
2 'polypeptide(L)'
;QVQLQESGGGLVQAGGSLRLSCTASGFTFDSYHMGWFRRAPGKEREFVAAVSRVTWLIDIADSVKGRFTISRDNAKNTVY
LEMNSLKPEDTAQYFCAASQQRLSRSDVQYDYWGQGTQVTVSSAAAYPYDVPDYGSHHHHHH
;
B
#
# COMPACT_ATOMS: atom_id res chain seq x y z
N ALA A 2 -23.57 8.50 0.96
CA ALA A 2 -22.32 9.17 1.28
C ALA A 2 -21.15 8.19 1.27
N PHE A 3 -21.47 6.90 1.26
CA PHE A 3 -20.42 5.88 1.27
C PHE A 3 -19.81 5.73 -0.13
N GLU A 4 -20.62 5.82 -1.17
CA GLU A 4 -20.15 5.51 -2.52
C GLU A 4 -19.34 6.66 -3.08
N ALA A 5 -19.68 7.90 -2.71
CA ALA A 5 -18.95 9.06 -3.20
C ALA A 5 -17.58 9.20 -2.55
N LEU A 6 -17.29 8.41 -1.51
CA LEU A 6 -16.01 8.47 -0.82
C LEU A 6 -15.11 7.32 -1.23
N THR A 7 -15.65 6.10 -1.23
CA THR A 7 -14.86 4.92 -1.53
C THR A 7 -14.84 4.59 -3.01
N GLY A 8 -15.78 5.12 -3.78
CA GLY A 8 -15.86 4.85 -5.20
C GLY A 8 -16.40 3.48 -5.54
N ILE A 9 -16.89 2.75 -4.54
CA ILE A 9 -17.53 1.46 -4.72
C ILE A 9 -18.90 1.45 -4.04
N ASN A 10 -19.82 0.70 -4.63
CA ASN A 10 -21.17 0.55 -4.13
C ASN A 10 -21.34 -0.82 -3.48
N GLY A 11 -22.53 -1.08 -2.95
CA GLY A 11 -22.81 -2.35 -2.32
C GLY A 11 -22.77 -3.55 -3.25
N ASP A 12 -23.08 -3.33 -4.54
CA ASP A 12 -23.04 -4.41 -5.52
C ASP A 12 -21.64 -4.98 -5.67
N LEU A 13 -20.65 -4.11 -5.84
CA LEU A 13 -19.27 -4.58 -6.01
C LEU A 13 -18.77 -5.27 -4.75
N ILE A 14 -19.09 -4.72 -3.58
CA ILE A 14 -18.71 -5.35 -2.31
C ILE A 14 -19.29 -6.76 -2.22
N THR A 15 -20.57 -6.91 -2.58
CA THR A 15 -21.22 -8.21 -2.51
C THR A 15 -20.57 -9.21 -3.47
N ARG A 16 -20.32 -8.80 -4.71
CA ARG A 16 -19.68 -9.70 -5.66
C ARG A 16 -18.26 -10.06 -5.22
N SER A 17 -17.53 -9.11 -4.64
CA SER A 17 -16.18 -9.39 -4.17
C SER A 17 -16.20 -10.41 -3.04
N TRP A 18 -17.16 -10.28 -2.12
CA TRP A 18 -17.27 -11.23 -1.02
C TRP A 18 -17.62 -12.63 -1.53
N SER A 19 -18.56 -12.71 -2.48
CA SER A 19 -18.93 -14.00 -3.05
C SER A 19 -17.73 -14.66 -3.73
N ALA A 20 -16.96 -13.89 -4.50
CA ALA A 20 -15.78 -14.44 -5.15
C ALA A 20 -14.72 -14.86 -4.14
N SER A 21 -14.52 -14.06 -3.09
CA SER A 21 -13.54 -14.42 -2.06
C SER A 21 -13.88 -15.76 -1.43
N LYS A 22 -15.16 -16.01 -1.20
CA LYS A 22 -15.57 -17.31 -0.68
C LYS A 22 -15.38 -18.42 -1.72
N GLN A 23 -15.72 -18.14 -2.98
CA GLN A 23 -15.54 -19.15 -4.03
C GLN A 23 -14.07 -19.54 -4.17
N ALA A 24 -13.17 -18.63 -3.85
CA ALA A 24 -11.72 -18.86 -3.96
C ALA A 24 -11.25 -20.01 -3.05
N TYR A 25 -12.02 -20.35 -2.02
CA TYR A 25 -11.71 -21.49 -1.14
C TYR A 25 -11.65 -22.81 -1.89
N LEU A 26 -12.32 -22.91 -3.05
CA LEU A 26 -12.50 -24.16 -3.76
C LEU A 26 -11.49 -24.35 -4.89
N THR A 27 -10.53 -23.43 -5.02
CA THR A 27 -9.55 -23.46 -6.10
C THR A 27 -8.16 -23.62 -5.49
N GLU A 28 -7.18 -23.93 -6.34
CA GLU A 28 -5.79 -23.98 -5.90
C GLU A 28 -5.12 -22.62 -5.75
N ARG A 29 -5.10 -21.82 -6.81
CA ARG A 29 -4.54 -20.48 -6.70
C ARG A 29 -5.57 -19.36 -6.68
N TYR A 30 -6.42 -19.23 -7.69
CA TYR A 30 -7.33 -18.10 -7.74
C TYR A 30 -8.59 -18.46 -8.50
N HIS A 31 -9.63 -17.65 -8.29
CA HIS A 31 -10.87 -17.74 -9.05
C HIS A 31 -11.12 -16.41 -9.74
N LYS A 32 -11.47 -16.47 -11.03
CA LYS A 32 -11.84 -15.29 -11.80
C LYS A 32 -13.35 -15.28 -11.98
N GLU A 33 -13.99 -14.19 -11.57
CA GLU A 33 -15.43 -14.01 -11.76
C GLU A 33 -15.65 -12.84 -12.71
N GLU A 34 -16.23 -13.13 -13.87
CA GLU A 34 -16.56 -12.11 -14.86
C GLU A 34 -18.01 -11.68 -14.69
N ALA A 35 -18.22 -10.41 -14.35
CA ALA A 35 -19.53 -9.84 -14.11
C ALA A 35 -19.69 -8.61 -15.01
N GLY A 36 -19.84 -8.88 -16.31
CA GLY A 36 -20.05 -7.82 -17.27
C GLY A 36 -18.82 -6.96 -17.45
N ALA A 37 -18.87 -5.78 -16.86
CA ALA A 37 -17.79 -4.80 -16.93
C ALA A 37 -16.76 -5.01 -15.85
N VAL A 38 -17.02 -5.86 -14.86
CA VAL A 38 -16.11 -6.07 -13.74
C VAL A 38 -15.49 -7.46 -13.85
N VAL A 39 -14.19 -7.54 -13.62
CA VAL A 39 -13.47 -8.81 -13.50
C VAL A 39 -12.88 -8.87 -12.10
N ILE A 40 -13.27 -9.87 -11.32
CA ILE A 40 -12.86 -10.02 -9.93
C ILE A 40 -11.90 -11.20 -9.83
N PHE A 41 -10.73 -10.96 -9.24
CA PHE A 41 -9.74 -12.01 -8.98
C PHE A 41 -9.71 -12.27 -7.47
N ALA A 42 -10.19 -13.43 -7.05
CA ALA A 42 -10.21 -13.81 -5.65
C ALA A 42 -9.15 -14.88 -5.37
N PHE A 43 -8.41 -14.70 -4.27
CA PHE A 43 -7.28 -15.55 -3.94
C PHE A 43 -7.63 -16.48 -2.78
N GLN A 44 -7.23 -17.74 -2.89
CA GLN A 44 -7.52 -18.73 -1.84
C GLN A 44 -6.76 -18.42 -0.56
N PRO A 45 -7.44 -18.26 0.57
CA PRO A 45 -6.74 -18.03 1.84
C PRO A 45 -6.09 -19.32 2.34
N SER A 46 -5.16 -19.14 3.26
CA SER A 46 -4.45 -20.26 3.88
C SER A 46 -4.40 -20.05 5.39
N PHE A 47 -4.40 -21.16 6.13
CA PHE A 47 -4.44 -21.13 7.59
C PHE A 47 -3.36 -22.01 8.21
N SER A 48 -2.20 -22.10 7.57
CA SER A 48 -1.02 -22.71 8.15
C SER A 48 -0.03 -21.64 8.58
N GLU A 49 0.67 -21.89 9.70
CA GLU A 49 1.60 -20.89 10.21
C GLU A 49 2.71 -20.60 9.21
N LYS A 50 3.01 -21.58 8.34
CA LYS A 50 4.02 -21.37 7.30
C LYS A 50 3.65 -20.23 6.39
N ASP A 51 2.36 -19.99 6.18
CA ASP A 51 1.87 -19.00 5.23
C ASP A 51 1.66 -17.64 5.89
N PHE A 52 2.02 -17.50 7.16
CA PHE A 52 2.02 -16.23 7.88
C PHE A 52 3.42 -15.79 8.24
N PHE A 53 4.23 -16.69 8.80
CA PHE A 53 5.64 -16.47 9.07
C PHE A 53 6.44 -17.52 8.32
N ASP A 54 7.13 -17.09 7.27
CA ASP A 54 7.93 -17.99 6.46
C ASP A 54 9.00 -18.67 7.29
N PRO A 55 9.12 -20.01 7.22
CA PRO A 55 10.10 -20.73 8.06
C PRO A 55 11.52 -20.26 7.87
N ASP A 56 11.91 -19.88 6.64
CA ASP A 56 13.29 -19.50 6.36
C ASP A 56 13.57 -18.04 6.70
N ASN A 57 12.55 -17.27 7.07
CA ASN A 57 12.74 -15.88 7.49
C ASN A 57 13.26 -15.87 8.91
N LYS A 58 14.39 -15.19 9.14
CA LYS A 58 15.05 -15.17 10.43
C LYS A 58 14.81 -13.87 11.20
N SER A 59 13.80 -13.09 10.82
CA SER A 59 13.44 -11.86 11.50
C SER A 59 12.26 -12.08 12.44
N SER A 60 12.12 -11.19 13.43
CA SER A 60 11.17 -11.38 14.52
C SER A 60 9.71 -11.21 14.09
N PHE A 61 9.45 -10.73 12.88
CA PHE A 61 8.09 -10.50 12.41
C PHE A 61 7.88 -11.04 10.99
N GLY A 62 8.78 -11.91 10.52
CA GLY A 62 8.65 -12.47 9.19
C GLY A 62 8.69 -11.44 8.09
N GLU A 63 9.40 -10.34 8.30
CA GLU A 63 9.42 -9.24 7.35
C GLU A 63 10.61 -9.37 6.41
N ILE A 64 10.51 -8.71 5.26
CA ILE A 64 11.58 -8.68 4.28
C ILE A 64 11.48 -7.41 3.47
N LYS A 65 12.64 -6.85 3.12
CA LYS A 65 12.67 -5.67 2.28
C LYS A 65 12.27 -6.04 0.86
N LEU A 66 11.49 -5.18 0.22
CA LEU A 66 11.09 -5.40 -1.16
C LEU A 66 12.29 -5.26 -2.09
N ASN A 67 12.20 -5.94 -3.24
CA ASN A 67 13.22 -5.81 -4.27
C ASN A 67 12.95 -4.53 -5.06
N ARG A 68 13.92 -3.62 -5.04
CA ARG A 68 13.76 -2.31 -5.65
C ARG A 68 13.57 -2.37 -7.16
N VAL A 69 13.92 -3.49 -7.79
CA VAL A 69 13.73 -3.63 -9.23
C VAL A 69 12.26 -3.86 -9.58
N GLN A 70 11.59 -4.74 -8.83
CA GLN A 70 10.21 -5.12 -9.17
C GLN A 70 9.16 -4.19 -8.56
N PHE A 71 9.49 -3.44 -7.52
CA PHE A 71 8.57 -2.49 -6.90
C PHE A 71 9.27 -1.15 -6.68
N PRO A 72 9.66 -0.48 -7.76
CA PRO A 72 10.49 0.73 -7.62
C PRO A 72 9.81 1.86 -6.86
N CYS A 73 8.47 1.89 -6.86
CA CYS A 73 7.76 2.96 -6.17
C CYS A 73 7.60 2.71 -4.69
N MET A 74 7.66 1.44 -4.25
CA MET A 74 7.41 1.14 -2.85
C MET A 74 8.68 1.41 -2.05
N ARG A 75 8.89 2.69 -1.79
CA ARG A 75 10.10 3.18 -1.13
C ARG A 75 9.87 4.65 -0.82
N LYS A 76 10.75 5.22 0.00
CA LYS A 76 10.81 6.66 0.14
C LYS A 76 11.71 7.18 -0.97
N ILE A 77 11.27 8.25 -1.63
CA ILE A 77 12.01 8.75 -2.79
C ILE A 77 13.30 9.43 -2.35
N GLY A 78 13.18 10.53 -1.60
CA GLY A 78 14.35 11.26 -1.17
C GLY A 78 15.26 10.45 -0.27
N LYS A 79 14.68 9.74 0.71
CA LYS A 79 15.50 9.00 1.66
C LYS A 79 16.06 7.73 1.06
N GLY A 80 15.36 7.10 0.13
CA GLY A 80 15.84 5.91 -0.53
C GLY A 80 15.38 4.61 0.09
N ASP A 81 15.06 4.61 1.37
CA ASP A 81 14.70 3.39 2.10
C ASP A 81 13.56 2.65 1.41
N VAL A 82 13.80 1.38 1.09
CA VAL A 82 12.77 0.58 0.44
C VAL A 82 11.74 0.11 1.45
N ALA A 83 10.56 -0.24 0.96
CA ALA A 83 9.50 -0.71 1.84
C ALA A 83 9.76 -2.14 2.28
N THR A 84 9.08 -2.54 3.36
CA THR A 84 9.18 -3.89 3.89
C THR A 84 7.80 -4.52 3.92
N VAL A 85 7.71 -5.80 3.52
CA VAL A 85 6.45 -6.53 3.56
C VAL A 85 6.65 -7.89 4.21
N ASN A 86 5.53 -8.54 4.50
CA ASN A 86 5.52 -9.93 4.99
C ASN A 86 6.04 -10.87 3.91
N GLU A 87 7.07 -11.65 4.23
CA GLU A 87 7.68 -12.52 3.24
C GLU A 87 6.73 -13.62 2.77
N ALA A 88 5.99 -14.24 3.70
CA ALA A 88 5.07 -15.31 3.30
C ALA A 88 4.04 -14.81 2.29
N PHE A 89 3.50 -13.61 2.49
CA PHE A 89 2.52 -13.06 1.56
C PHE A 89 3.16 -12.76 0.22
N LEU A 90 4.41 -12.28 0.23
CA LEU A 90 5.08 -11.99 -1.02
C LEU A 90 5.39 -13.25 -1.79
N LYS A 91 5.80 -14.33 -1.11
CA LYS A 91 6.00 -15.60 -1.79
C LYS A 91 4.70 -16.14 -2.35
N ASN A 92 3.59 -15.94 -1.64
CA ASN A 92 2.31 -16.42 -2.16
C ASN A 92 1.89 -15.64 -3.39
N LEU A 93 2.11 -14.32 -3.37
CA LEU A 93 1.84 -13.51 -4.56
C LEU A 93 2.73 -13.95 -5.71
N GLU A 94 4.02 -14.19 -5.42
CA GLU A 94 4.93 -14.67 -6.47
C GLU A 94 4.42 -15.98 -7.05
N ALA A 95 3.84 -16.83 -6.21
CA ALA A 95 3.37 -18.12 -6.66
C ALA A 95 2.12 -17.97 -7.53
N VAL A 96 1.36 -16.91 -7.35
CA VAL A 96 0.15 -16.75 -8.16
C VAL A 96 0.41 -15.93 -9.43
N ILE A 97 1.42 -15.06 -9.43
CA ILE A 97 1.79 -14.28 -10.61
C ILE A 97 2.48 -15.13 -11.66
N ASP A 98 3.08 -16.25 -11.26
CA ASP A 98 3.68 -17.26 -12.12
C ASP A 98 2.89 -17.51 -13.41
N PRO A 99 3.53 -17.27 -14.56
CA PRO A 99 2.85 -17.39 -15.87
C PRO A 99 2.00 -18.64 -16.02
N ARG A 100 2.41 -19.75 -15.41
CA ARG A 100 1.73 -21.02 -15.56
C ARG A 100 0.32 -21.01 -14.97
N THR A 101 -0.01 -20.01 -14.17
CA THR A 101 -1.30 -19.92 -13.50
C THR A 101 -2.35 -19.23 -14.33
N SER A 102 -1.96 -18.62 -15.45
CA SER A 102 -2.82 -17.87 -16.37
C SER A 102 -3.37 -16.61 -15.71
N PHE A 103 -2.88 -16.28 -14.52
CA PHE A 103 -3.35 -15.09 -13.80
C PHE A 103 -3.02 -13.83 -14.59
N GLN A 104 -1.76 -13.71 -15.03
CA GLN A 104 -1.33 -12.52 -15.75
C GLN A 104 -2.04 -12.42 -17.08
N ALA A 105 -2.18 -13.54 -17.80
CA ALA A 105 -2.89 -13.53 -19.06
C ALA A 105 -4.33 -13.07 -18.88
N SER A 106 -4.98 -13.51 -17.80
CA SER A 106 -6.35 -13.08 -17.52
C SER A 106 -6.39 -11.59 -17.19
N VAL A 107 -5.42 -11.11 -16.42
CA VAL A 107 -5.35 -9.68 -16.11
C VAL A 107 -5.24 -8.87 -17.39
N GLU A 108 -4.36 -9.29 -18.31
CA GLU A 108 -4.21 -8.53 -19.55
C GLU A 108 -5.43 -8.66 -20.45
N MET A 109 -6.10 -9.81 -20.42
CA MET A 109 -7.35 -9.94 -21.18
C MET A 109 -8.40 -8.98 -20.66
N ALA A 110 -8.45 -8.77 -19.35
CA ALA A 110 -9.38 -7.79 -18.81
C ALA A 110 -8.92 -6.36 -19.08
N VAL A 111 -7.61 -6.13 -19.11
CA VAL A 111 -7.09 -4.80 -19.39
C VAL A 111 -7.42 -4.38 -20.82
N ARG A 112 -7.17 -5.27 -21.78
CA ARG A 112 -7.46 -4.95 -23.17
C ARG A 112 -8.95 -4.74 -23.40
N SER A 113 -9.79 -5.31 -22.56
CA SER A 113 -11.23 -5.21 -22.70
C SER A 113 -11.79 -4.02 -21.93
N ARG A 114 -10.92 -3.20 -21.34
CA ARG A 114 -11.32 -2.03 -20.57
C ARG A 114 -12.31 -2.39 -19.45
N LYS A 115 -12.17 -3.58 -18.90
CA LYS A 115 -13.03 -3.99 -17.81
C LYS A 115 -12.58 -3.35 -16.51
N GLN A 116 -13.52 -3.15 -15.60
CA GLN A 116 -13.19 -2.71 -14.25
C GLN A 116 -12.58 -3.89 -13.50
N ILE A 117 -11.29 -3.79 -13.17
CA ILE A 117 -10.58 -4.87 -12.49
C ILE A 117 -10.69 -4.69 -10.98
N VAL A 118 -11.05 -5.77 -10.28
CA VAL A 118 -11.21 -5.76 -8.83
C VAL A 118 -10.42 -6.93 -8.25
N PHE A 119 -9.57 -6.64 -7.26
CA PHE A 119 -8.84 -7.66 -6.53
C PHE A 119 -9.45 -7.82 -5.13
N THR A 120 -9.65 -9.07 -4.71
CA THR A 120 -10.31 -9.31 -3.43
C THR A 120 -9.83 -10.63 -2.83
N GLY A 121 -10.15 -10.83 -1.56
CA GLY A 121 -9.80 -12.02 -0.84
C GLY A 121 -10.20 -11.96 0.62
N HIS A 122 -10.43 -13.10 1.24
CA HIS A 122 -10.72 -13.19 2.66
C HIS A 122 -9.49 -13.65 3.44
N SER A 123 -9.36 -13.11 4.65
CA SER A 123 -8.29 -13.45 5.60
C SER A 123 -6.94 -13.21 4.92
N SER A 124 -5.99 -14.14 5.00
CA SER A 124 -4.69 -13.92 4.36
C SER A 124 -4.80 -13.81 2.85
N GLY A 125 -5.85 -14.36 2.25
CA GLY A 125 -6.04 -14.17 0.82
C GLY A 125 -6.25 -12.73 0.45
N GLY A 126 -6.89 -11.97 1.35
CA GLY A 126 -7.07 -10.55 1.10
C GLY A 126 -5.74 -9.84 1.13
N ALA A 127 -4.82 -10.32 1.96
CA ALA A 127 -3.50 -9.70 2.00
C ALA A 127 -2.82 -9.92 0.66
N THR A 128 -2.97 -11.12 0.09
CA THR A 128 -2.39 -11.36 -1.23
C THR A 128 -3.03 -10.44 -2.24
N ALA A 129 -4.35 -10.23 -2.11
CA ALA A 129 -5.03 -9.33 -3.05
C ALA A 129 -4.43 -7.94 -2.99
N ILE A 130 -4.11 -7.48 -1.78
CA ILE A 130 -3.51 -6.15 -1.65
C ILE A 130 -2.20 -6.09 -2.42
N LEU A 131 -1.37 -7.14 -2.27
CA LEU A 131 -0.10 -7.12 -2.98
C LEU A 131 -0.32 -7.27 -4.47
N ALA A 132 -1.36 -8.02 -4.87
CA ALA A 132 -1.61 -8.16 -6.30
C ALA A 132 -2.01 -6.82 -6.87
N THR A 133 -2.76 -6.03 -6.08
CA THR A 133 -3.15 -4.72 -6.57
C THR A 133 -1.92 -3.86 -6.78
N VAL A 134 -0.98 -3.90 -5.83
CA VAL A 134 0.25 -3.13 -6.01
C VAL A 134 0.97 -3.60 -7.26
N TRP A 135 1.06 -4.93 -7.47
CA TRP A 135 1.66 -5.43 -8.70
C TRP A 135 0.96 -4.84 -9.92
N TYR A 136 -0.38 -4.84 -9.89
CA TYR A 136 -1.12 -4.25 -11.00
C TYR A 136 -0.78 -2.78 -11.13
N LEU A 137 -0.73 -2.08 -10.00
CA LEU A 137 -0.44 -0.66 -10.02
C LEU A 137 0.95 -0.45 -10.59
N GLU A 138 1.89 -1.33 -10.25
CA GLU A 138 3.24 -1.16 -10.78
C GLU A 138 3.29 -1.53 -12.26
N LYS A 139 2.57 -2.60 -12.65
CA LYS A 139 2.76 -3.06 -14.03
C LYS A 139 1.90 -2.31 -15.04
N TYR A 140 0.68 -1.91 -14.69
CA TYR A 140 -0.23 -1.36 -15.70
C TYR A 140 -0.68 0.07 -15.41
N PHE A 141 -1.28 0.31 -14.24
CA PHE A 141 -1.94 1.59 -13.97
C PHE A 141 -0.96 2.76 -13.96
N ILE A 142 0.21 2.58 -13.33
CA ILE A 142 1.20 3.64 -13.21
C ILE A 142 1.79 4.06 -14.55
N ARG A 143 1.74 3.21 -15.57
CA ARG A 143 2.40 3.61 -16.81
C ARG A 143 1.56 4.62 -17.59
N ASN A 144 0.24 4.59 -17.44
CA ASN A 144 -0.59 5.59 -18.11
C ASN A 144 -1.93 5.62 -17.38
N PRO A 145 -2.00 6.25 -16.21
CA PRO A 145 -3.20 6.17 -15.36
C PRO A 145 -4.45 6.88 -15.85
N ASN A 146 -4.55 7.28 -17.12
CA ASN A 146 -5.80 7.84 -17.63
C ASN A 146 -6.70 6.87 -18.41
N VAL A 147 -6.20 6.27 -19.49
CA VAL A 147 -7.01 5.25 -20.18
C VAL A 147 -7.15 3.97 -19.38
N TYR A 148 -6.19 3.65 -18.53
CA TYR A 148 -6.36 2.45 -17.73
C TYR A 148 -7.40 2.72 -16.66
N LEU A 149 -8.15 1.67 -16.33
CA LEU A 149 -9.27 1.82 -15.43
C LEU A 149 -8.80 1.68 -13.99
N GLU A 150 -9.27 2.58 -13.15
CA GLU A 150 -8.95 2.58 -11.73
C GLU A 150 -9.35 1.23 -11.17
N PRO A 151 -8.45 0.50 -10.53
CA PRO A 151 -8.84 -0.77 -9.93
C PRO A 151 -9.43 -0.54 -8.55
N ARG A 152 -9.92 -1.63 -7.97
CA ARG A 152 -10.34 -1.63 -6.57
C ARG A 152 -9.83 -2.88 -5.88
N CYS A 153 -9.33 -2.70 -4.67
CA CYS A 153 -8.92 -3.81 -3.81
C CYS A 153 -9.82 -3.75 -2.59
N VAL A 154 -10.56 -4.84 -2.37
CA VAL A 154 -11.51 -4.95 -1.26
C VAL A 154 -11.16 -6.19 -0.47
N THR A 155 -10.82 -6.00 0.81
CA THR A 155 -10.42 -7.11 1.66
C THR A 155 -11.37 -7.23 2.85
N PHE A 156 -11.46 -8.45 3.39
CA PHE A 156 -12.29 -8.75 4.55
C PHE A 156 -11.44 -9.47 5.58
N GLY A 157 -11.18 -8.80 6.70
CA GLY A 157 -10.38 -9.38 7.76
C GLY A 157 -8.98 -9.73 7.32
N ALA A 158 -8.37 -8.88 6.50
CA ALA A 158 -7.03 -9.16 6.02
C ALA A 158 -5.98 -8.83 7.08
N PRO A 159 -4.91 -9.62 7.15
CA PRO A 159 -3.76 -9.22 7.97
C PRO A 159 -3.10 -7.97 7.42
N LEU A 160 -2.31 -7.31 8.27
CA LEU A 160 -1.52 -6.20 7.79
C LEU A 160 -0.42 -6.73 6.87
N VAL A 161 -0.01 -5.90 5.92
CA VAL A 161 0.88 -6.33 4.84
C VAL A 161 2.19 -5.56 4.83
N GLY A 162 2.12 -4.22 4.84
CA GLY A 162 3.31 -3.41 4.73
C GLY A 162 3.64 -2.61 5.98
N ASP A 163 4.78 -1.95 5.91
CA ASP A 163 5.26 -1.10 6.99
C ASP A 163 4.86 0.35 6.74
N SER A 164 5.48 1.27 7.49
CA SER A 164 5.14 2.68 7.38
C SER A 164 5.57 3.24 6.02
N ILE A 165 6.67 2.72 5.47
CA ILE A 165 7.14 3.17 4.16
C ILE A 165 6.18 2.71 3.06
N PHE A 166 5.66 1.49 3.18
CA PHE A 166 4.64 0.98 2.28
C PHE A 166 3.44 1.92 2.22
N SER A 167 2.91 2.27 3.39
CA SER A 167 1.78 3.19 3.48
C SER A 167 2.13 4.55 2.90
N HIS A 168 3.31 5.08 3.24
CA HIS A 168 3.72 6.38 2.72
C HIS A 168 3.76 6.36 1.20
N ALA A 169 4.32 5.31 0.61
CA ALA A 169 4.41 5.23 -0.84
C ALA A 169 3.02 5.15 -1.46
N LEU A 170 2.12 4.36 -0.87
CA LEU A 170 0.74 4.31 -1.36
C LEU A 170 0.09 5.69 -1.30
N GLY A 171 0.38 6.44 -0.23
CA GLY A 171 -0.19 7.78 -0.10
C GLY A 171 0.35 8.75 -1.13
N ARG A 172 1.65 8.70 -1.39
CA ARG A 172 2.28 9.62 -2.32
C ARG A 172 1.73 9.47 -3.74
N GLU A 173 1.48 8.23 -4.17
CA GLU A 173 0.98 7.99 -5.51
C GLU A 173 -0.52 8.21 -5.63
N LYS A 174 -1.19 8.58 -4.53
CA LYS A 174 -2.65 8.73 -4.50
C LYS A 174 -3.34 7.42 -4.82
N TRP A 175 -2.81 6.33 -4.27
CA TRP A 175 -3.38 5.01 -4.49
C TRP A 175 -4.21 4.51 -3.31
N SER A 176 -4.01 5.08 -2.12
CA SER A 176 -4.73 4.60 -0.93
C SER A 176 -6.25 4.63 -1.12
N ARG A 177 -6.75 5.60 -1.89
CA ARG A 177 -8.19 5.69 -2.09
C ARG A 177 -8.79 4.47 -2.77
N PHE A 178 -7.97 3.65 -3.43
CA PHE A 178 -8.46 2.48 -4.15
C PHE A 178 -8.66 1.26 -3.27
N PHE A 179 -8.18 1.30 -2.02
CA PHE A 179 -8.13 0.15 -1.14
C PHE A 179 -9.18 0.31 -0.04
N VAL A 180 -10.07 -0.67 0.10
CA VAL A 180 -11.01 -0.70 1.22
C VAL A 180 -10.87 -2.02 1.94
N ASN A 181 -10.63 -1.95 3.25
CA ASN A 181 -10.44 -3.09 4.12
C ASN A 181 -11.53 -3.08 5.18
N PHE A 182 -12.45 -4.04 5.12
CA PHE A 182 -13.52 -4.13 6.11
C PHE A 182 -13.01 -4.89 7.33
N VAL A 183 -13.26 -4.36 8.52
CA VAL A 183 -12.82 -4.98 9.76
C VAL A 183 -13.95 -4.94 10.78
N THR A 184 -14.49 -6.11 11.11
CA THR A 184 -15.44 -6.21 12.22
C THR A 184 -14.74 -5.88 13.54
N ARG A 185 -15.47 -5.19 14.41
CA ARG A 185 -14.89 -4.54 15.59
C ARG A 185 -13.87 -5.40 16.33
N PHE A 186 -14.22 -6.65 16.65
CA PHE A 186 -13.38 -7.48 17.50
C PHE A 186 -12.47 -8.43 16.72
N ASP A 187 -12.56 -8.46 15.39
CA ASP A 187 -11.82 -9.41 14.57
C ASP A 187 -10.32 -9.40 14.89
N ILE A 188 -9.80 -10.55 15.34
CA ILE A 188 -8.43 -10.66 15.78
C ILE A 188 -7.44 -10.73 14.62
N VAL A 189 -7.89 -11.17 13.44
CA VAL A 189 -6.95 -11.43 12.33
C VAL A 189 -6.23 -10.18 11.83
N PRO A 190 -6.87 -9.02 11.68
CA PRO A 190 -6.11 -7.81 11.29
C PRO A 190 -5.07 -7.38 12.31
N ARG A 191 -5.10 -7.95 13.50
CA ARG A 191 -4.18 -7.59 14.57
C ARG A 191 -3.03 -8.58 14.66
N ILE A 192 -3.17 -9.75 14.02
CA ILE A 192 -2.22 -10.86 14.21
C ILE A 192 -0.78 -10.42 13.96
N THR A 193 -0.52 -9.82 12.80
CA THR A 193 0.88 -9.52 12.49
C THR A 193 1.42 -8.34 13.30
N LEU A 194 0.63 -7.74 14.20
CA LEU A 194 1.16 -6.73 15.09
C LEU A 194 1.87 -7.31 16.31
N ALA A 195 1.80 -8.62 16.51
CA ALA A 195 2.48 -9.29 17.60
C ALA A 195 3.80 -9.90 17.15
N ARG A 196 4.75 -9.96 18.08
CA ARG A 196 5.98 -10.71 17.86
C ARG A 196 5.68 -12.19 17.64
N LYS A 197 6.39 -12.80 16.69
CA LYS A 197 6.14 -14.19 16.35
C LYS A 197 6.47 -15.13 17.50
N ALA A 198 7.35 -14.73 18.41
CA ALA A 198 7.67 -15.54 19.57
C ALA A 198 6.51 -15.56 20.56
N SER A 199 5.69 -14.51 20.53
CA SER A 199 4.57 -14.39 21.47
C SER A 199 3.43 -15.36 21.17
N VAL A 200 3.33 -15.87 19.94
CA VAL A 200 2.21 -16.73 19.58
C VAL A 200 2.66 -18.06 18.96
N GLU A 201 3.96 -18.37 19.07
CA GLU A 201 4.48 -19.57 18.41
C GLU A 201 3.78 -20.84 18.89
N GLU A 202 3.34 -20.87 20.15
CA GLU A 202 2.75 -22.07 20.72
C GLU A 202 1.25 -22.19 20.43
N THR A 203 0.55 -21.07 20.32
CA THR A 203 -0.91 -21.06 20.23
C THR A 203 -1.42 -20.77 18.83
N LEU A 204 -0.59 -20.27 17.94
CA LEU A 204 -1.05 -19.93 16.59
C LEU A 204 -1.63 -21.11 15.80
N PRO A 205 -1.04 -22.30 15.77
CA PRO A 205 -1.65 -23.37 14.95
C PRO A 205 -3.06 -23.74 15.39
N HIS A 206 -3.33 -23.75 16.70
CA HIS A 206 -4.67 -24.08 17.17
C HIS A 206 -5.66 -22.99 16.79
N VAL A 207 -5.26 -21.74 16.94
CA VAL A 207 -6.19 -20.65 16.62
C VAL A 207 -6.46 -20.63 15.13
N LEU A 208 -5.42 -20.82 14.31
CA LEU A 208 -5.64 -20.89 12.86
C LEU A 208 -6.57 -22.04 12.50
N ALA A 209 -6.46 -23.16 13.22
CA ALA A 209 -7.36 -24.27 12.96
C ALA A 209 -8.80 -23.94 13.32
N GLN A 210 -9.00 -23.14 14.37
CA GLN A 210 -10.37 -22.76 14.74
C GLN A 210 -10.93 -21.67 13.85
N LEU A 211 -10.08 -20.80 13.30
CA LEU A 211 -10.54 -19.72 12.43
C LEU A 211 -10.86 -20.21 11.03
N ASP A 212 -10.25 -21.31 10.61
CA ASP A 212 -10.50 -21.86 9.28
C ASP A 212 -11.94 -22.35 9.20
N PRO A 213 -12.77 -21.78 8.31
CA PRO A 213 -14.18 -22.22 8.23
C PRO A 213 -14.37 -23.64 7.74
N ARG A 214 -13.37 -24.25 7.10
CA ARG A 214 -13.54 -25.60 6.57
C ARG A 214 -12.91 -26.65 7.46
N ASN A 215 -12.42 -26.25 8.64
CA ASN A 215 -11.73 -27.15 9.58
C ASN A 215 -12.56 -27.17 10.86
N SER A 216 -13.63 -27.97 10.86
CA SER A 216 -14.44 -28.20 12.06
C SER A 216 -14.03 -29.49 12.77
N SER A 217 -12.73 -29.79 12.74
CA SER A 217 -12.20 -31.01 13.33
C SER A 217 -11.57 -30.76 14.70
N VAL A 218 -10.58 -29.87 14.76
CA VAL A 218 -9.91 -29.56 16.01
C VAL A 218 -10.91 -28.95 16.99
N GLN A 219 -11.10 -29.62 18.13
CA GLN A 219 -12.05 -29.16 19.14
C GLN A 219 -11.60 -27.83 19.72
N GLU A 220 -12.55 -26.91 19.87
CA GLU A 220 -12.25 -25.58 20.38
C GLU A 220 -11.69 -25.64 21.79
N SER A 221 -10.61 -24.91 22.04
CA SER A 221 -9.97 -24.85 23.35
C SER A 221 -10.02 -23.42 23.88
N GLU A 222 -10.64 -23.25 25.04
CA GLU A 222 -10.74 -21.95 25.69
C GLU A 222 -9.36 -21.38 26.03
N GLN A 223 -8.52 -22.20 26.66
CA GLN A 223 -7.21 -21.76 27.14
C GLN A 223 -6.36 -21.19 26.02
N ARG A 224 -6.19 -21.95 24.93
CA ARG A 224 -5.32 -21.52 23.84
C ARG A 224 -5.80 -20.21 23.25
N ILE A 225 -7.11 -20.05 23.04
CA ILE A 225 -7.64 -18.83 22.46
C ILE A 225 -7.44 -17.64 23.40
N THR A 226 -7.57 -17.87 24.70
CA THR A 226 -7.40 -16.77 25.65
C THR A 226 -5.94 -16.34 25.72
N GLU A 227 -5.03 -17.31 25.82
CA GLU A 227 -3.60 -16.99 25.82
C GLU A 227 -3.20 -16.25 24.55
N PHE A 228 -3.72 -16.69 23.40
CA PHE A 228 -3.40 -16.08 22.12
C PHE A 228 -3.86 -14.63 22.09
N TYR A 229 -5.13 -14.40 22.44
CA TYR A 229 -5.66 -13.04 22.48
C TYR A 229 -4.84 -12.15 23.41
N THR A 230 -4.48 -12.65 24.60
CA THR A 230 -3.73 -11.83 25.54
C THR A 230 -2.35 -11.48 24.99
N SER A 231 -1.67 -12.43 24.33
CA SER A 231 -0.35 -12.15 23.77
C SER A 231 -0.44 -11.12 22.65
N VAL A 232 -1.44 -11.27 21.78
CA VAL A 232 -1.59 -10.34 20.67
C VAL A 232 -1.93 -8.95 21.19
N MET A 233 -2.81 -8.85 22.18
CA MET A 233 -3.16 -7.55 22.70
C MET A 233 -2.01 -6.89 23.44
N ARG A 234 -1.17 -7.68 24.14
CA ARG A 234 -0.03 -7.09 24.83
C ARG A 234 0.95 -6.48 23.83
N ASP A 235 1.33 -7.24 22.81
CA ASP A 235 2.26 -6.69 21.83
C ASP A 235 1.62 -5.54 21.06
N THR A 236 0.32 -5.65 20.74
CA THR A 236 -0.35 -4.57 20.05
C THR A 236 -0.37 -3.30 20.88
N SER A 237 -0.61 -3.42 22.20
CA SER A 237 -0.61 -2.26 23.06
C SER A 237 0.76 -1.62 23.09
N THR A 238 1.82 -2.44 23.08
CA THR A 238 3.16 -1.88 23.10
C THR A 238 3.45 -1.12 21.81
N VAL A 239 3.04 -1.69 20.67
CA VAL A 239 3.23 -1.03 19.39
C VAL A 239 2.44 0.28 19.33
N ALA A 240 1.17 0.24 19.75
CA ALA A 240 0.33 1.43 19.66
C ALA A 240 0.84 2.53 20.59
N ASN A 241 1.29 2.20 21.79
CA ASN A 241 1.79 3.24 22.68
C ASN A 241 3.10 3.81 22.16
N GLN A 242 3.93 2.97 21.54
CA GLN A 242 5.15 3.49 20.95
C GLN A 242 4.82 4.40 19.77
N ALA A 243 3.81 4.03 18.97
CA ALA A 243 3.40 4.87 17.85
C ALA A 243 2.87 6.19 18.37
N VAL A 244 2.23 6.16 19.54
CA VAL A 244 1.76 7.39 20.17
C VAL A 244 2.95 8.27 20.49
N CYS A 245 3.99 7.68 21.07
CA CYS A 245 5.17 8.44 21.44
C CYS A 245 5.93 8.88 20.19
N GLU A 246 5.83 8.11 19.10
CA GLU A 246 6.56 8.37 17.87
C GLU A 246 5.76 9.38 17.06
N LEU A 247 5.44 10.50 17.69
CA LEU A 247 4.61 11.54 17.08
C LEU A 247 4.79 12.82 17.88
N THR A 248 4.89 12.68 19.20
CA THR A 248 4.97 13.82 20.10
C THR A 248 6.42 14.27 20.24
N GLY A 249 6.83 14.64 21.43
CA GLY A 249 8.22 14.99 21.69
C GLY A 249 8.59 15.02 23.15
N SER A 250 9.63 15.80 23.46
CA SER A 250 10.17 15.98 24.81
C SER A 250 10.65 14.67 25.43
N ALA A 251 10.96 13.68 24.60
CA ALA A 251 11.47 12.39 25.08
C ALA A 251 12.07 11.58 23.93
N GLU A 252 13.04 12.17 23.22
CA GLU A 252 13.71 11.50 22.10
C GLU A 252 14.83 10.57 22.56
N ALA A 253 15.39 10.83 23.75
CA ALA A 253 16.50 10.02 24.26
C ALA A 253 16.02 8.62 24.60
N ILE A 254 15.01 8.53 25.47
CA ILE A 254 14.51 7.23 25.88
C ILE A 254 13.93 6.51 24.68
N LEU A 255 13.40 7.25 23.71
CA LEU A 255 12.89 6.58 22.53
C LEU A 255 14.02 5.98 21.71
N GLU A 256 15.17 6.68 21.59
CA GLU A 256 16.28 6.09 20.84
C GLU A 256 16.88 4.89 21.55
N THR A 257 16.98 4.96 22.88
CA THR A 257 17.48 3.82 23.64
C THR A 257 16.54 2.64 23.49
N LEU A 258 15.24 2.89 23.53
CA LEU A 258 14.39 1.73 23.43
C LEU A 258 14.40 1.24 22.00
N SER A 259 14.63 2.15 21.04
CA SER A 259 14.61 1.67 19.67
C SER A 259 15.76 0.69 19.49
N SER A 260 16.85 0.91 20.27
CA SER A 260 17.94 -0.04 20.17
C SER A 260 17.61 -1.34 20.87
N PHE A 261 16.62 -1.31 21.77
CA PHE A 261 16.29 -2.48 22.58
C PHE A 261 14.84 -2.97 22.45
N LEU A 262 14.03 -2.40 21.57
CA LEU A 262 12.63 -2.79 21.41
C LEU A 262 12.43 -3.40 20.04
N GLU A 263 11.74 -4.53 20.01
CA GLU A 263 11.29 -5.13 18.75
C GLU A 263 9.78 -4.94 18.67
N LEU A 264 9.38 -3.99 17.84
CA LEU A 264 8.01 -3.57 17.63
C LEU A 264 7.64 -3.93 16.21
N SER A 265 6.42 -4.40 16.01
CA SER A 265 6.01 -4.79 14.67
C SER A 265 6.07 -3.60 13.72
N PRO A 266 6.64 -3.78 12.52
CA PRO A 266 6.70 -2.68 11.55
C PRO A 266 5.42 -2.48 10.76
N TYR A 267 4.49 -3.44 10.82
CA TYR A 267 3.32 -3.43 9.95
C TYR A 267 2.37 -2.32 10.35
N ARG A 268 1.82 -1.64 9.34
CA ARG A 268 0.95 -0.51 9.56
C ARG A 268 -0.25 -0.62 8.63
N PRO A 269 -1.38 -0.03 9.01
CA PRO A 269 -2.54 0.02 8.11
C PRO A 269 -2.22 0.73 6.79
N ALA A 270 -2.62 0.11 5.69
CA ALA A 270 -2.47 0.70 4.36
C ALA A 270 -3.82 0.74 3.68
N GLY A 271 -4.27 1.95 3.32
CA GLY A 271 -5.56 2.15 2.67
C GLY A 271 -6.67 2.49 3.64
N THR A 272 -7.86 2.69 3.07
CA THR A 272 -9.04 2.97 3.87
C THR A 272 -9.48 1.73 4.63
N PHE A 273 -9.82 1.92 5.91
CA PHE A 273 -10.39 0.89 6.74
C PHE A 273 -11.83 1.24 7.10
N VAL A 274 -12.73 0.27 7.03
CA VAL A 274 -14.13 0.47 7.41
C VAL A 274 -14.46 -0.43 8.59
N PHE A 275 -14.63 0.17 9.76
CA PHE A 275 -15.02 -0.56 10.96
C PHE A 275 -16.53 -0.68 11.03
N SER A 276 -17.00 -1.84 11.49
CA SER A 276 -18.43 -2.16 11.49
C SER A 276 -18.89 -2.60 12.87
N THR A 277 -20.04 -2.09 13.28
CA THR A 277 -20.71 -2.57 14.47
C THR A 277 -22.14 -2.95 14.10
N GLU A 278 -22.97 -3.24 15.08
CA GLU A 278 -24.35 -3.59 14.78
C GLU A 278 -25.10 -2.43 14.14
N LYS A 279 -24.73 -1.19 14.48
CA LYS A 279 -25.48 -0.02 14.04
C LYS A 279 -24.68 1.00 13.25
N ARG A 280 -23.37 0.83 13.08
CA ARG A 280 -22.58 1.88 12.46
C ARG A 280 -21.54 1.31 11.50
N LEU A 281 -21.25 2.08 10.45
CA LEU A 281 -20.10 1.89 9.57
C LEU A 281 -19.24 3.14 9.62
N VAL A 282 -17.98 3.00 10.03
CA VAL A 282 -17.06 4.14 10.19
C VAL A 282 -15.85 3.96 9.28
N ALA A 283 -15.74 4.83 8.27
CA ALA A 283 -14.63 4.79 7.32
C ALA A 283 -13.50 5.70 7.83
N VAL A 284 -12.26 5.21 7.80
CA VAL A 284 -11.09 5.96 8.24
C VAL A 284 -9.97 5.83 7.23
N ASN A 285 -9.33 6.95 6.89
CA ASN A 285 -8.21 7.01 5.95
C ASN A 285 -6.85 7.04 6.63
N ASN A 286 -6.70 7.82 7.70
CA ASN A 286 -5.41 8.01 8.36
C ASN A 286 -4.88 6.70 8.95
N SER A 287 -3.73 6.26 8.43
CA SER A 287 -3.15 4.98 8.84
C SER A 287 -2.84 4.94 10.34
N ASP A 288 -2.30 6.03 10.89
CA ASP A 288 -2.00 6.06 12.32
C ASP A 288 -3.26 5.91 13.16
N ALA A 289 -4.33 6.61 12.77
CA ALA A 289 -5.58 6.53 13.50
C ALA A 289 -6.14 5.11 13.44
N ILE A 290 -6.01 4.47 12.27
CA ILE A 290 -6.51 3.10 12.15
C ILE A 290 -5.69 2.19 13.04
N LEU A 291 -4.38 2.42 13.10
CA LEU A 291 -3.52 1.61 13.95
C LEU A 291 -3.99 1.69 15.41
N GLN A 292 -4.28 2.91 15.88
CA GLN A 292 -4.79 3.07 17.24
C GLN A 292 -6.14 2.40 17.42
N MET A 293 -7.03 2.54 16.43
CA MET A 293 -8.35 1.95 16.54
C MET A 293 -8.30 0.43 16.56
N LEU A 294 -7.29 -0.16 15.90
CA LEU A 294 -7.16 -1.61 15.93
C LEU A 294 -6.92 -2.11 17.35
N PHE A 295 -6.38 -1.27 18.22
CA PHE A 295 -6.23 -1.64 19.62
C PHE A 295 -7.46 -1.28 20.44
N TYR A 296 -7.94 -0.04 20.34
CA TYR A 296 -8.95 0.38 21.29
C TYR A 296 -10.36 -0.10 20.94
N THR A 297 -10.56 -0.66 19.76
CA THR A 297 -11.86 -1.19 19.40
C THR A 297 -11.98 -2.65 19.80
N CYS A 298 -10.87 -3.26 20.21
CA CYS A 298 -10.81 -4.67 20.58
C CYS A 298 -10.73 -4.87 22.09
N GLN A 299 -11.17 -3.89 22.86
CA GLN A 299 -11.26 -4.05 24.31
C GLN A 299 -12.69 -4.24 24.75
N ALA A 300 -12.83 -4.67 26.00
CA ALA A 300 -14.11 -4.89 26.65
C ALA A 300 -14.64 -3.57 27.20
N SER A 301 -15.96 -3.42 27.23
CA SER A 301 -16.46 -2.19 27.85
C SER A 301 -16.30 -2.39 29.35
N ASP A 302 -17.09 -3.27 29.96
CA ASP A 302 -16.65 -3.50 31.32
C ASP A 302 -15.53 -4.56 31.25
N GLU A 303 -14.80 -4.74 32.36
CA GLU A 303 -13.83 -5.83 32.49
C GLU A 303 -14.37 -7.17 32.97
N GLN A 304 -15.68 -7.33 33.20
CA GLN A 304 -16.16 -8.65 33.65
C GLN A 304 -16.49 -9.51 32.45
N GLU A 305 -16.61 -8.92 31.27
CA GLU A 305 -16.95 -9.56 30.01
C GLU A 305 -15.65 -9.99 29.33
N TRP A 306 -14.52 -9.58 29.92
CA TRP A 306 -13.18 -9.80 29.39
C TRP A 306 -12.93 -11.27 29.08
N SER A 307 -13.54 -12.18 29.85
CA SER A 307 -13.37 -13.60 29.61
C SER A 307 -14.14 -14.03 28.35
N LEU A 308 -15.11 -13.22 27.93
CA LEU A 308 -16.00 -13.50 26.81
C LEU A 308 -15.42 -12.98 25.50
N ILE A 309 -14.68 -11.88 25.56
CA ILE A 309 -14.11 -11.18 24.40
C ILE A 309 -13.29 -12.06 23.48
N PRO A 310 -12.43 -12.97 23.95
CA PRO A 310 -11.65 -13.78 22.98
C PRO A 310 -12.54 -14.59 22.05
N PHE A 311 -13.65 -15.10 22.56
CA PHE A 311 -14.53 -15.89 21.71
C PHE A 311 -15.27 -14.99 20.74
N ARG A 312 -15.59 -13.76 21.15
CA ARG A 312 -16.25 -12.85 20.21
C ARG A 312 -15.24 -12.41 19.16
N SER A 313 -13.96 -12.34 19.53
CA SER A 313 -12.90 -11.96 18.61
C SER A 313 -12.66 -13.05 17.58
N ILE A 314 -13.04 -14.28 17.92
CA ILE A 314 -12.96 -15.38 16.96
C ILE A 314 -14.20 -15.37 16.09
N ARG A 315 -15.38 -15.29 16.71
CA ARG A 315 -16.65 -15.36 16.00
C ARG A 315 -16.79 -14.20 15.02
N ASP A 316 -16.23 -13.03 15.34
CA ASP A 316 -16.35 -11.86 14.49
C ASP A 316 -15.62 -12.02 13.16
N HIS A 317 -14.68 -12.95 13.06
CA HIS A 317 -14.01 -13.17 11.78
C HIS A 317 -14.92 -13.83 10.76
N HIS A 318 -16.01 -14.46 11.21
CA HIS A 318 -16.96 -15.12 10.33
C HIS A 318 -18.27 -14.33 10.23
N SER A 319 -18.25 -13.07 10.65
CA SER A 319 -19.46 -12.24 10.70
C SER A 319 -19.48 -11.16 9.62
N TYR A 320 -18.65 -11.28 8.58
CA TYR A 320 -18.59 -10.27 7.53
C TYR A 320 -19.73 -10.45 6.54
N GLU A 321 -20.27 -11.66 6.47
CA GLU A 321 -21.48 -11.94 5.71
C GLU A 321 -22.67 -11.12 6.23
N GLU A 322 -22.85 -11.10 7.54
CA GLU A 322 -23.91 -10.30 8.15
C GLU A 322 -23.67 -8.83 7.86
N LEU A 323 -22.41 -8.42 7.93
CA LEU A 323 -22.01 -7.05 7.62
C LEU A 323 -22.47 -6.66 6.23
N VAL A 324 -22.13 -7.49 5.24
CA VAL A 324 -22.42 -7.18 3.84
C VAL A 324 -23.91 -7.12 3.59
N GLN A 325 -24.69 -7.98 4.26
CA GLN A 325 -26.13 -7.93 3.99
C GLN A 325 -26.81 -6.72 4.61
N SER A 326 -26.27 -6.17 5.69
CA SER A 326 -26.92 -5.07 6.40
C SER A 326 -26.22 -3.74 6.19
N MET A 327 -25.40 -3.63 5.15
CA MET A 327 -24.65 -2.40 4.90
C MET A 327 -25.58 -1.19 4.82
N GLY A 328 -26.58 -1.26 3.94
CA GLY A 328 -27.46 -0.14 3.72
C GLY A 328 -28.36 0.18 4.90
N MET A 329 -28.47 -0.74 5.86
CA MET A 329 -29.33 -0.55 7.01
C MET A 329 -28.57 0.03 8.19
N LYS A 330 -27.29 0.30 8.04
CA LYS A 330 -26.42 0.81 9.10
C LYS A 330 -26.12 2.28 8.85
N LEU A 331 -25.91 3.02 9.93
CA LEU A 331 -25.53 4.42 9.83
C LEU A 331 -24.07 4.52 9.42
N PHE A 332 -23.79 5.32 8.40
CA PHE A 332 -22.45 5.50 7.89
C PHE A 332 -21.97 6.91 8.22
N ASN A 333 -20.67 7.02 8.51
CA ASN A 333 -20.03 8.32 8.64
C ASN A 333 -18.56 8.20 8.28
N HIS A 334 -18.00 9.29 7.77
CA HIS A 334 -16.59 9.37 7.42
C HIS A 334 -15.89 10.08 8.57
N LEU A 335 -15.09 9.32 9.33
CA LEU A 335 -14.50 9.83 10.56
C LEU A 335 -13.64 11.06 10.32
N ASP A 336 -12.82 11.05 9.27
CA ASP A 336 -11.90 12.16 9.04
C ASP A 336 -12.66 13.45 8.75
N GLY A 337 -13.84 13.37 8.12
CA GLY A 337 -14.59 14.55 7.77
C GLY A 337 -15.62 14.98 8.78
N GLU A 338 -15.82 14.18 9.82
CA GLU A 338 -16.81 14.48 10.85
C GLU A 338 -16.43 15.72 11.64
N ASN A 339 -17.43 16.51 11.99
CA ASN A 339 -17.23 17.63 12.91
C ASN A 339 -17.17 17.13 14.35
N SER A 340 -17.79 16.00 14.65
CA SER A 340 -17.72 15.40 15.97
C SER A 340 -17.63 13.89 15.82
N ILE A 341 -16.59 13.30 16.43
CA ILE A 341 -16.31 11.87 16.30
C ILE A 341 -16.73 11.07 17.53
N GLU A 342 -17.36 11.72 18.50
CA GLU A 342 -17.68 11.05 19.76
C GLU A 342 -18.65 9.89 19.56
N SER A 343 -19.71 10.11 18.79
CA SER A 343 -20.73 9.08 18.60
C SER A 343 -20.14 7.83 17.95
N SER A 344 -19.38 8.02 16.87
CA SER A 344 -18.80 6.87 16.16
C SER A 344 -17.91 6.04 17.09
N LEU A 345 -16.98 6.70 17.79
CA LEU A 345 -16.06 5.93 18.61
C LEU A 345 -16.74 5.35 19.84
N ASN A 346 -17.80 6.01 20.30
CA ASN A 346 -18.58 5.50 21.42
C ASN A 346 -19.31 4.22 21.04
N ASP A 347 -19.81 4.14 19.80
CA ASP A 347 -20.45 2.92 19.35
C ASP A 347 -19.45 1.80 19.11
N LEU A 348 -18.19 2.14 18.86
CA LEU A 348 -17.13 1.16 18.70
C LEU A 348 -16.49 0.77 20.02
N GLY A 349 -17.02 1.25 21.14
CA GLY A 349 -16.48 0.86 22.44
C GLY A 349 -15.12 1.43 22.71
N VAL A 350 -14.72 2.47 21.97
CA VAL A 350 -13.41 3.08 22.16
C VAL A 350 -13.39 3.90 23.44
N SER A 351 -12.41 3.61 24.29
CA SER A 351 -12.25 4.32 25.55
C SER A 351 -11.92 5.79 25.29
N THR A 352 -11.94 6.58 26.35
CA THR A 352 -11.62 8.01 26.25
C THR A 352 -10.20 8.22 25.76
N ARG A 353 -9.25 7.46 26.29
CA ARG A 353 -7.86 7.62 25.90
C ARG A 353 -7.64 7.23 24.44
N GLY A 354 -8.30 6.16 23.98
CA GLY A 354 -8.16 5.81 22.58
C GLY A 354 -8.72 6.89 21.68
N ARG A 355 -9.82 7.53 22.12
CA ARG A 355 -10.39 8.62 21.34
C ARG A 355 -9.42 9.79 21.30
N GLN A 356 -8.72 10.07 22.41
CA GLN A 356 -7.79 11.19 22.39
C GLN A 356 -6.58 10.90 21.52
N TYR A 357 -6.16 9.62 21.46
CA TYR A 357 -5.06 9.27 20.56
C TYR A 357 -5.48 9.37 19.09
N VAL A 358 -6.70 8.95 18.77
CA VAL A 358 -7.19 9.08 17.40
C VAL A 358 -7.28 10.55 17.03
N GLN A 359 -7.81 11.37 17.94
CA GLN A 359 -7.93 12.80 17.67
C GLN A 359 -6.56 13.40 17.43
N ALA A 360 -5.56 12.99 18.22
CA ALA A 360 -4.20 13.52 18.05
C ALA A 360 -3.62 13.13 16.69
N ALA A 361 -3.86 11.89 16.24
CA ALA A 361 -3.37 11.47 14.94
C ALA A 361 -4.02 12.27 13.81
N LEU A 362 -5.32 12.55 13.95
CA LEU A 362 -6.01 13.32 12.93
C LEU A 362 -5.53 14.77 12.96
N GLU A 363 -5.25 15.29 14.15
CA GLU A 363 -4.77 16.66 14.22
C GLU A 363 -3.40 16.76 13.58
N GLU A 364 -2.58 15.72 13.74
CA GLU A 364 -1.26 15.74 13.14
C GLU A 364 -1.33 15.70 11.62
N GLU A 365 -2.28 14.92 11.08
CA GLU A 365 -2.42 14.90 9.62
C GLU A 365 -2.94 16.22 9.07
N LYS A 366 -3.89 16.85 9.76
CA LYS A 366 -4.33 18.16 9.29
C LYS A 366 -3.23 19.19 9.42
N LYS A 367 -2.35 19.05 10.43
CA LYS A 367 -1.21 19.96 10.51
C LYS A 367 -0.33 19.79 9.28
N ARG A 368 -0.08 18.54 8.89
CA ARG A 368 0.76 18.30 7.71
C ARG A 368 0.13 18.94 6.47
N VAL A 369 -1.20 18.84 6.34
CA VAL A 369 -1.91 19.48 5.23
C VAL A 369 -1.75 20.99 5.26
N GLU A 370 -1.88 21.58 6.45
CA GLU A 370 -1.69 23.03 6.59
C GLU A 370 -0.28 23.42 6.16
N ASN A 371 0.71 22.64 6.58
CA ASN A 371 2.09 22.91 6.20
C ASN A 371 2.25 22.90 4.68
N GLN A 372 1.57 21.98 4.00
CA GLN A 372 1.68 21.96 2.54
C GLN A 372 1.02 23.20 1.92
N LYS A 373 -0.13 23.63 2.46
CA LYS A 373 -0.77 24.84 1.93
C LYS A 373 0.13 26.05 2.11
N LYS A 374 0.81 26.11 3.27
CA LYS A 374 1.73 27.22 3.53
C LYS A 374 2.91 27.18 2.57
N ILE A 375 3.42 25.98 2.28
CA ILE A 375 4.55 25.87 1.37
C ILE A 375 4.15 26.33 -0.03
N ILE A 376 2.95 25.95 -0.49
CA ILE A 376 2.53 26.40 -1.81
C ILE A 376 2.41 27.93 -1.86
N GLN A 377 1.86 28.52 -0.80
CA GLN A 377 1.74 29.97 -0.74
C GLN A 377 3.11 30.63 -0.76
N VAL A 378 4.07 30.01 -0.08
CA VAL A 378 5.43 30.55 -0.01
C VAL A 378 6.07 30.48 -1.39
N ILE A 379 6.03 29.32 -2.03
CA ILE A 379 6.76 29.15 -3.27
C ILE A 379 6.09 29.87 -4.41
N GLN A 380 4.92 30.45 -4.17
CA GLN A 380 4.27 31.24 -5.21
C GLN A 380 4.43 32.74 -4.99
N GLN A 381 4.94 33.16 -3.83
CA GLN A 381 5.20 34.57 -3.56
C GLN A 381 6.30 35.15 -4.45
N GLU A 382 6.15 36.44 -4.76
CA GLU A 382 7.09 37.17 -5.61
C GLU A 382 8.47 37.31 -4.97
N ARG A 383 8.55 37.61 -3.67
CA ARG A 383 9.86 37.83 -3.04
C ARG A 383 10.76 36.60 -3.12
N PHE A 384 10.17 35.41 -3.21
CA PHE A 384 10.98 34.20 -3.34
C PHE A 384 11.43 34.00 -4.78
N LEU A 385 10.49 34.09 -5.72
CA LEU A 385 10.76 33.84 -7.12
C LEU A 385 11.73 34.87 -7.70
N LYS A 386 11.71 36.10 -7.18
CA LYS A 386 12.62 37.13 -7.69
C LYS A 386 14.08 36.72 -7.56
N LYS A 387 14.44 35.97 -6.52
CA LYS A 387 15.82 35.54 -6.35
C LYS A 387 16.27 34.62 -7.48
N LEU A 388 15.42 33.66 -7.85
CA LEU A 388 15.74 32.76 -8.96
C LEU A 388 15.71 33.51 -10.27
N ALA A 389 14.76 34.44 -10.44
CA ALA A 389 14.71 35.19 -11.68
C ALA A 389 15.98 36.02 -11.84
N TRP A 390 16.46 36.59 -10.74
CA TRP A 390 17.68 37.41 -10.79
C TRP A 390 18.88 36.55 -11.15
N ILE A 391 19.00 35.37 -10.53
CA ILE A 391 20.09 34.45 -10.86
C ILE A 391 20.04 34.06 -12.34
N GLU A 392 18.85 33.79 -12.86
CA GLU A 392 18.72 33.25 -14.22
C GLU A 392 18.89 34.31 -15.30
N ASP A 393 18.29 35.49 -15.11
CA ASP A 393 18.19 36.51 -16.14
C ASP A 393 19.23 37.63 -16.03
N GLU A 394 19.85 37.82 -14.88
CA GLU A 394 20.82 38.89 -14.69
C GLU A 394 22.22 38.37 -14.43
N TYR A 395 22.37 37.45 -13.49
CA TYR A 395 23.71 37.00 -13.10
C TYR A 395 24.33 36.17 -14.22
N LYS A 396 23.59 35.18 -14.72
CA LYS A 396 24.10 34.33 -15.79
C LYS A 396 24.42 35.11 -17.06
N PRO A 397 23.55 36.00 -17.57
CA PRO A 397 23.94 36.72 -18.78
C PRO A 397 25.12 37.65 -18.57
N LYS A 398 25.22 38.29 -17.41
CA LYS A 398 26.37 39.17 -17.17
C LYS A 398 27.66 38.37 -17.12
N CYS A 399 27.61 37.17 -16.54
CA CYS A 399 28.81 36.33 -16.48
C CYS A 399 29.15 35.77 -17.85
N GLN A 400 28.13 35.48 -18.68
CA GLN A 400 28.37 35.05 -20.04
C GLN A 400 29.01 36.15 -20.86
N ALA A 401 28.61 37.41 -20.59
CA ALA A 401 29.17 38.55 -21.31
C ALA A 401 30.64 38.74 -20.97
N HIS A 402 31.07 38.28 -19.79
CA HIS A 402 32.47 38.37 -19.40
C HIS A 402 33.29 37.20 -19.96
N LYS A 403 32.64 36.25 -20.62
CA LYS A 403 33.28 35.18 -21.38
C LYS A 403 33.98 34.15 -20.49
N ASN A 404 33.63 34.10 -19.20
CA ASN A 404 34.17 33.10 -18.29
C ASN A 404 33.10 32.22 -17.67
N GLY A 405 31.85 32.67 -17.65
CA GLY A 405 30.75 31.91 -17.11
C GLY A 405 30.53 32.19 -15.63
N TYR A 406 29.34 31.84 -15.16
CA TYR A 406 28.96 32.22 -13.80
C TYR A 406 29.52 31.26 -12.77
N TYR A 407 29.95 30.07 -13.19
CA TYR A 407 30.65 29.17 -12.28
C TYR A 407 32.01 29.75 -11.91
N ASP A 408 32.83 30.06 -12.92
CA ASP A 408 34.16 30.60 -12.65
C ASP A 408 34.07 31.98 -12.01
N SER A 409 33.09 32.77 -12.42
CA SER A 409 32.93 34.10 -11.84
C SER A 409 32.58 34.00 -10.37
N PHE A 410 31.68 33.07 -10.01
CA PHE A 410 31.37 32.87 -8.59
C PHE A 410 32.61 32.36 -7.86
N LYS A 411 33.34 31.44 -8.49
CA LYS A 411 34.47 30.79 -7.84
C LYS A 411 35.56 31.80 -7.48
N VAL A 412 35.86 32.73 -8.38
CA VAL A 412 36.86 33.73 -8.04
C VAL A 412 36.23 34.86 -7.24
N SER A 413 34.95 35.15 -7.47
CA SER A 413 34.17 36.13 -6.72
C SER A 413 34.93 37.46 -6.61
N ASN A 414 35.19 38.06 -7.76
CA ASN A 414 35.94 39.30 -7.81
C ASN A 414 35.06 40.54 -7.72
N GLU A 415 33.77 40.41 -7.97
CA GLU A 415 32.88 41.56 -8.02
C GLU A 415 31.77 41.46 -6.97
N GLU A 416 31.13 42.60 -6.73
CA GLU A 416 30.03 42.69 -5.79
C GLU A 416 28.87 41.78 -6.19
N ASN A 417 28.64 41.63 -7.49
CA ASN A 417 27.55 40.80 -7.99
C ASN A 417 27.72 39.35 -7.55
N ASP A 418 28.97 38.90 -7.39
CA ASP A 418 29.19 37.53 -6.93
C ASP A 418 28.79 37.38 -5.48
N PHE A 419 29.06 38.39 -4.65
CA PHE A 419 28.62 38.32 -3.26
C PHE A 419 27.11 38.45 -3.14
N LYS A 420 26.47 39.19 -4.05
CA LYS A 420 25.01 39.25 -4.00
C LYS A 420 24.41 37.92 -4.40
N ALA A 421 25.03 37.25 -5.38
CA ALA A 421 24.57 35.94 -5.78
C ALA A 421 24.76 34.95 -4.64
N ASN A 422 25.87 35.11 -3.90
CA ASN A 422 26.12 34.23 -2.76
C ASN A 422 25.07 34.43 -1.68
N VAL A 423 24.67 35.69 -1.45
CA VAL A 423 23.62 35.98 -0.47
C VAL A 423 22.31 35.31 -0.86
N LYS A 424 21.89 35.47 -2.13
CA LYS A 424 20.64 34.83 -2.54
C LYS A 424 20.75 33.31 -2.57
N ARG A 425 21.95 32.80 -2.84
CA ARG A 425 22.19 31.36 -2.77
C ARG A 425 22.00 30.86 -1.35
N ALA A 426 22.50 31.62 -0.37
CA ALA A 426 22.37 31.20 1.01
C ALA A 426 20.91 31.26 1.45
N GLU A 427 20.18 32.28 1.01
CA GLU A 427 18.78 32.40 1.41
C GLU A 427 17.97 31.24 0.82
N LEU A 428 18.21 30.91 -0.45
CA LEU A 428 17.51 29.78 -1.05
C LEU A 428 17.90 28.48 -0.37
N ALA A 429 19.19 28.34 0.00
CA ALA A 429 19.63 27.15 0.69
C ALA A 429 18.89 27.00 2.01
N GLY A 430 18.69 28.11 2.72
CA GLY A 430 17.99 28.05 3.99
C GLY A 430 16.54 27.60 3.82
N VAL A 431 15.89 28.08 2.76
CA VAL A 431 14.48 27.73 2.56
C VAL A 431 14.35 26.26 2.16
N PHE A 432 15.23 25.78 1.28
CA PHE A 432 15.11 24.39 0.86
C PHE A 432 15.61 23.44 1.93
N ASP A 433 16.53 23.88 2.79
CA ASP A 433 16.93 23.05 3.91
C ASP A 433 15.79 22.95 4.91
N GLU A 434 15.01 24.02 5.05
CA GLU A 434 13.91 24.00 6.00
C GLU A 434 12.81 23.04 5.51
N VAL A 435 12.55 23.04 4.20
CA VAL A 435 11.59 22.08 3.64
C VAL A 435 12.09 20.66 3.84
N LEU A 436 13.38 20.42 3.56
CA LEU A 436 13.94 19.09 3.77
C LEU A 436 13.78 18.67 5.23
N GLY A 437 13.97 19.62 6.15
CA GLY A 437 13.81 19.32 7.57
C GLY A 437 12.39 18.87 7.88
N LEU A 438 11.41 19.53 7.28
CA LEU A 438 10.02 19.12 7.51
C LEU A 438 9.78 17.71 6.97
N LEU A 439 10.34 17.41 5.79
CA LEU A 439 10.19 16.08 5.22
C LEU A 439 10.80 15.01 6.14
N LYS A 440 12.02 15.26 6.63
CA LYS A 440 12.70 14.31 7.50
C LYS A 440 11.89 13.98 8.76
N LYS A 441 11.12 14.94 9.28
CA LYS A 441 10.36 14.70 10.50
C LYS A 441 8.95 14.18 10.23
N CYS A 442 8.67 13.81 8.98
CA CYS A 442 7.36 13.31 8.56
C CYS A 442 6.25 14.29 8.94
N GLN A 443 6.49 15.57 8.66
CA GLN A 443 5.55 16.63 8.97
C GLN A 443 4.95 17.25 7.72
N LEU A 444 5.01 16.54 6.60
CA LEU A 444 4.33 16.92 5.37
C LEU A 444 3.47 15.77 4.87
N PRO A 445 2.43 16.08 4.08
CA PRO A 445 1.56 15.02 3.57
C PRO A 445 2.31 14.02 2.71
N ASP A 446 1.80 12.79 2.68
CA ASP A 446 2.43 11.74 1.90
C ASP A 446 2.58 12.16 0.44
N GLU A 447 1.66 12.97 -0.07
CA GLU A 447 1.66 13.37 -1.48
C GLU A 447 2.73 14.38 -1.81
N PHE A 448 3.41 14.93 -0.79
CA PHE A 448 4.29 16.08 -0.99
C PHE A 448 5.35 15.79 -2.06
N GLU A 449 6.05 14.66 -1.95
CA GLU A 449 7.13 14.34 -2.87
C GLU A 449 6.64 14.04 -4.28
N GLY A 450 5.32 13.94 -4.47
CA GLY A 450 4.74 13.68 -5.78
C GLY A 450 4.10 14.89 -6.44
N ASP A 451 4.02 16.00 -5.72
CA ASP A 451 3.43 17.22 -6.24
C ASP A 451 4.26 17.79 -7.40
N ILE A 452 3.64 17.87 -8.57
CA ILE A 452 4.38 18.24 -9.79
C ILE A 452 4.82 19.70 -9.75
N ASP A 453 4.08 20.57 -9.04
CA ASP A 453 4.50 21.96 -8.92
C ASP A 453 5.79 22.04 -8.12
N TRP A 454 5.86 21.25 -7.05
CA TRP A 454 7.07 21.20 -6.24
C TRP A 454 8.23 20.63 -7.04
N ILE A 455 7.99 19.55 -7.79
CA ILE A 455 9.06 18.96 -8.58
C ILE A 455 9.60 19.97 -9.60
N LYS A 456 8.69 20.70 -10.26
CA LYS A 456 9.09 21.73 -11.21
C LYS A 456 9.96 22.79 -10.55
N LEU A 457 9.50 23.34 -9.42
CA LEU A 457 10.25 24.40 -8.75
C LEU A 457 11.60 23.88 -8.26
N ALA A 458 11.62 22.73 -7.58
CA ALA A 458 12.85 22.18 -7.05
C ALA A 458 13.85 21.86 -8.16
N THR A 459 13.35 21.45 -9.33
CA THR A 459 14.25 21.18 -10.45
C THR A 459 14.84 22.47 -10.99
N ARG A 460 14.01 23.52 -11.11
CA ARG A 460 14.54 24.81 -11.53
C ARG A 460 15.58 25.34 -10.55
N TYR A 461 15.34 25.12 -9.25
CA TYR A 461 16.28 25.56 -8.23
C TYR A 461 17.60 24.80 -8.33
N ARG A 462 17.52 23.47 -8.48
CA ARG A 462 18.72 22.66 -8.52
C ARG A 462 19.56 23.02 -9.74
N ARG A 463 18.91 23.14 -10.90
CA ARG A 463 19.63 23.45 -12.13
C ARG A 463 20.26 24.84 -12.07
N LEU A 464 19.58 25.80 -11.42
CA LEU A 464 20.11 27.15 -11.38
C LEU A 464 21.24 27.29 -10.36
N VAL A 465 21.07 26.71 -9.17
CA VAL A 465 21.91 27.08 -8.03
C VAL A 465 22.92 26.02 -7.59
N GLU A 466 22.72 24.73 -7.91
CA GLU A 466 23.75 23.76 -7.54
C GLU A 466 25.13 24.07 -8.12
N PRO A 467 25.28 24.55 -9.36
CA PRO A 467 26.61 25.03 -9.79
C PRO A 467 27.21 26.08 -8.86
N LEU A 468 26.37 26.96 -8.31
CA LEU A 468 26.87 28.01 -7.43
C LEU A 468 27.31 27.45 -6.09
N ASP A 469 26.61 26.44 -5.59
CA ASP A 469 27.04 25.82 -4.34
C ASP A 469 28.30 25.00 -4.55
N ILE A 470 28.50 24.45 -5.75
CA ILE A 470 29.75 23.76 -6.06
C ILE A 470 30.89 24.76 -6.12
N ALA A 471 30.64 25.92 -6.73
CA ALA A 471 31.68 26.95 -6.78
C ALA A 471 32.04 27.42 -5.37
N ASN A 472 31.02 27.69 -4.55
CA ASN A 472 31.27 28.07 -3.16
C ASN A 472 32.09 27.01 -2.43
N TYR A 473 31.77 25.74 -2.68
CA TYR A 473 32.47 24.61 -2.06
C TYR A 473 33.96 24.64 -2.40
N HIS A 474 34.28 24.78 -3.68
CA HIS A 474 35.69 24.74 -4.07
C HIS A 474 36.41 26.05 -3.77
N ARG A 475 35.68 27.16 -3.72
CA ARG A 475 36.27 28.45 -3.36
C ARG A 475 36.90 28.43 -1.98
N HIS A 476 36.28 27.72 -1.03
CA HIS A 476 36.77 27.63 0.34
C HIS A 476 37.63 26.38 0.60
N LEU A 477 38.17 25.76 -0.46
CA LEU A 477 39.12 24.63 -0.36
C LEU A 477 38.60 23.47 0.47
N LYS A 478 37.29 23.27 0.40
CA LYS A 478 36.56 22.22 1.10
C LYS A 478 36.72 20.80 0.55
N ASN A 479 37.22 20.62 -0.69
CA ASN A 479 37.35 19.27 -1.28
C ASN A 479 38.45 18.35 -0.74
N GLU A 480 39.59 18.84 -0.31
CA GLU A 480 40.60 17.91 0.25
C GLU A 480 40.48 17.75 1.75
N ASP A 481 40.01 18.81 2.40
CA ASP A 481 39.86 18.85 3.84
C ASP A 481 38.67 18.01 4.23
N THR A 482 37.49 18.29 3.67
CA THR A 482 36.34 17.50 4.06
C THR A 482 36.36 16.19 3.26
N GLY A 483 36.58 16.30 1.95
CA GLY A 483 36.62 15.18 1.03
C GLY A 483 35.89 15.41 -0.28
N PRO A 484 35.77 14.39 -1.11
CA PRO A 484 35.08 14.56 -2.40
C PRO A 484 33.68 15.12 -2.24
N TYR A 485 33.33 16.06 -3.12
CA TYR A 485 32.01 16.65 -3.05
C TYR A 485 30.94 15.57 -3.19
N MET A 486 31.11 14.69 -4.17
CA MET A 486 30.13 13.64 -4.43
C MET A 486 30.07 12.66 -3.26
N LYS A 487 31.17 12.52 -2.51
CA LYS A 487 31.30 11.56 -1.42
C LYS A 487 30.86 12.13 -0.09
N ARG A 488 31.41 13.29 0.30
CA ARG A 488 31.19 13.83 1.64
C ARG A 488 30.65 15.24 1.67
N GLY A 489 30.42 15.87 0.51
CA GLY A 489 30.08 17.28 0.49
C GLY A 489 28.73 17.70 -0.05
N ARG A 490 28.09 16.86 -0.83
CA ARG A 490 26.86 17.24 -1.53
C ARG A 490 25.67 17.46 -0.59
N PRO A 491 25.08 18.65 -0.58
CA PRO A 491 23.90 18.90 0.26
C PRO A 491 22.75 17.96 -0.06
N THR A 492 22.14 17.42 0.99
CA THR A 492 21.09 16.42 0.85
C THR A 492 19.89 16.96 0.08
N ARG A 493 19.63 18.28 0.17
CA ARG A 493 18.49 18.86 -0.52
C ARG A 493 18.57 18.66 -2.03
N TYR A 494 19.78 18.67 -2.60
CA TYR A 494 19.92 18.44 -4.03
C TYR A 494 19.68 16.97 -4.37
N ILE A 495 20.11 16.07 -3.51
CA ILE A 495 19.87 14.65 -3.74
C ILE A 495 18.38 14.36 -3.72
N TYR A 496 17.67 14.96 -2.76
CA TYR A 496 16.21 14.81 -2.71
C TYR A 496 15.55 15.37 -3.97
N ALA A 497 15.98 16.56 -4.42
CA ALA A 497 15.39 17.15 -5.61
C ALA A 497 15.62 16.27 -6.83
N GLN A 498 16.85 15.80 -7.00
CA GLN A 498 17.19 14.93 -8.12
C GLN A 498 16.34 13.68 -8.10
N ARG A 499 16.26 13.00 -6.96
CA ARG A 499 15.52 11.75 -6.89
C ARG A 499 14.04 11.96 -7.12
N GLY A 500 13.48 13.07 -6.61
CA GLY A 500 12.08 13.37 -6.86
C GLY A 500 11.80 13.60 -8.33
N TYR A 501 12.70 14.30 -9.03
CA TYR A 501 12.49 14.53 -10.46
C TYR A 501 12.64 13.24 -11.25
N GLU A 502 13.69 12.47 -10.95
CA GLU A 502 13.92 11.22 -11.67
C GLU A 502 12.74 10.29 -11.47
N HIS A 503 12.23 10.20 -10.24
CA HIS A 503 11.08 9.34 -9.99
C HIS A 503 9.87 9.82 -10.78
N HIS A 504 9.63 11.14 -10.79
CA HIS A 504 8.49 11.68 -11.51
C HIS A 504 8.53 11.29 -12.98
N ILE A 505 9.71 11.39 -13.60
CA ILE A 505 9.79 11.15 -15.04
C ILE A 505 9.97 9.68 -15.39
N LEU A 506 10.48 8.86 -14.47
CA LEU A 506 10.81 7.46 -14.72
C LEU A 506 9.70 6.51 -14.33
N LYS A 507 8.88 6.87 -13.33
CA LYS A 507 7.89 5.93 -12.82
C LYS A 507 6.84 5.48 -13.83
N PRO A 508 6.49 6.22 -14.89
CA PRO A 508 5.56 5.64 -15.87
C PRO A 508 6.19 4.55 -16.73
N ASN A 509 7.51 4.37 -16.67
CA ASN A 509 8.19 3.37 -17.47
C ASN A 509 8.74 2.18 -16.69
N GLY A 510 8.49 2.10 -15.39
CA GLY A 510 8.82 0.90 -14.66
C GLY A 510 10.30 0.73 -14.39
N MET A 511 11.13 1.68 -14.81
CA MET A 511 12.58 1.63 -14.63
C MET A 511 13.01 2.57 -13.51
N ILE A 512 14.16 2.26 -12.92
CA ILE A 512 14.77 3.09 -11.89
C ILE A 512 15.98 3.83 -12.45
N ALA A 513 16.33 4.93 -11.79
CA ALA A 513 17.36 5.84 -12.28
C ALA A 513 18.68 5.09 -12.48
N GLU A 514 19.05 4.26 -11.50
CA GLU A 514 20.30 3.50 -11.58
C GLU A 514 20.33 2.61 -12.81
N ASP A 515 19.22 1.93 -13.12
CA ASP A 515 19.20 1.08 -14.30
C ASP A 515 19.38 1.90 -15.57
N VAL A 516 18.71 3.05 -15.67
CA VAL A 516 18.87 3.91 -16.84
C VAL A 516 20.33 4.37 -16.96
N PHE A 517 20.92 4.73 -15.82
CA PHE A 517 22.30 5.20 -15.82
C PHE A 517 23.25 4.11 -16.30
N TRP A 518 23.15 2.93 -15.68
CA TRP A 518 24.09 1.87 -16.04
C TRP A 518 23.84 1.37 -17.46
N ASN A 519 22.60 1.45 -17.95
CA ASN A 519 22.36 1.06 -19.32
C ASN A 519 23.00 2.05 -20.28
N LYS A 520 23.04 3.34 -19.90
CA LYS A 520 23.69 4.27 -20.80
C LYS A 520 25.20 4.14 -20.70
N VAL A 521 25.70 3.83 -19.50
CA VAL A 521 27.14 3.67 -19.32
C VAL A 521 27.63 2.50 -20.14
N ASN A 522 26.92 1.37 -20.06
CA ASN A 522 27.31 0.23 -20.88
C ASN A 522 27.05 0.52 -22.35
N GLY A 523 26.15 1.47 -22.65
CA GLY A 523 25.88 1.86 -24.02
C GLY A 523 26.94 2.74 -24.62
N LEU A 524 27.83 3.29 -23.78
CA LEU A 524 28.91 4.15 -24.25
C LEU A 524 30.06 3.39 -24.88
N ASN A 525 30.02 2.06 -24.87
CA ASN A 525 31.04 1.19 -25.45
C ASN A 525 32.43 1.55 -24.91
N LEU A 526 32.59 1.32 -23.61
CA LEU A 526 33.88 1.53 -22.96
C LEU A 526 34.72 0.27 -22.93
N GLY A 527 34.11 -0.91 -23.08
CA GLY A 527 34.79 -2.18 -23.18
C GLY A 527 35.26 -2.76 -21.86
N LEU A 528 35.42 -1.95 -20.82
CA LEU A 528 35.89 -2.42 -19.53
C LEU A 528 34.86 -3.32 -18.85
N GLN A 529 35.35 -4.10 -17.89
CA GLN A 529 34.48 -4.97 -17.10
C GLN A 529 33.51 -4.13 -16.29
N LEU A 530 32.26 -4.60 -16.19
CA LEU A 530 31.23 -3.82 -15.50
C LEU A 530 31.62 -3.58 -14.04
N GLU A 531 32.25 -4.57 -13.39
CA GLU A 531 32.66 -4.39 -12.01
C GLU A 531 33.75 -3.32 -11.93
N GLU A 532 34.63 -3.30 -12.94
CA GLU A 532 35.71 -2.31 -12.95
C GLU A 532 35.14 -0.93 -13.17
N ILE A 533 34.11 -0.81 -14.01
CA ILE A 533 33.57 0.51 -14.29
C ILE A 533 32.81 1.00 -13.05
N GLN A 534 32.12 0.09 -12.37
CA GLN A 534 31.43 0.50 -11.14
C GLN A 534 32.44 0.98 -10.12
N GLU A 535 33.63 0.35 -10.12
CA GLU A 535 34.70 0.80 -9.23
C GLU A 535 35.19 2.20 -9.62
N THR A 536 35.31 2.44 -10.93
CA THR A 536 35.79 3.73 -11.41
C THR A 536 34.75 4.82 -11.19
N LEU A 537 33.48 4.50 -11.43
CA LEU A 537 32.39 5.46 -11.32
C LEU A 537 31.79 5.50 -9.92
N LYS A 538 32.51 4.98 -8.92
CA LYS A 538 32.06 5.08 -7.54
C LYS A 538 32.00 6.54 -7.12
N ASN A 539 30.84 6.97 -6.63
CA ASN A 539 30.61 8.37 -6.24
C ASN A 539 30.91 9.30 -7.41
N SER A 540 30.47 8.92 -8.60
CA SER A 540 30.69 9.72 -9.79
C SER A 540 29.68 10.85 -9.88
N GLY A 541 30.12 11.96 -10.48
CA GLY A 541 29.30 13.12 -10.72
C GLY A 541 28.45 13.05 -11.97
N SER A 542 28.51 11.91 -12.65
CA SER A 542 27.83 11.71 -13.93
C SER A 542 26.42 11.17 -13.76
N GLU A 543 25.95 11.01 -12.53
CA GLU A 543 24.60 10.54 -12.29
C GLU A 543 23.57 11.67 -12.33
N CYS A 544 24.01 12.92 -12.29
CA CYS A 544 23.11 14.06 -12.30
C CYS A 544 23.72 15.21 -13.08
N GLY A 545 22.97 15.73 -14.05
CA GLY A 545 23.46 16.79 -14.90
C GLY A 545 23.90 18.03 -14.15
N SER A 546 23.23 18.33 -13.04
CA SER A 546 23.55 19.52 -12.28
C SER A 546 24.81 19.35 -11.44
N CYS A 547 25.46 18.19 -11.52
CA CYS A 547 26.73 17.96 -10.87
C CYS A 547 27.86 17.95 -11.89
N PHE A 548 27.56 18.44 -13.10
CA PHE A 548 28.57 18.48 -14.16
C PHE A 548 29.86 19.15 -13.71
N TRP A 549 29.74 20.29 -13.03
CA TRP A 549 30.93 21.04 -12.70
C TRP A 549 31.70 20.32 -11.59
N ALA A 550 30.97 19.60 -10.73
CA ALA A 550 31.62 18.83 -9.68
C ALA A 550 32.54 17.79 -10.30
N GLU A 551 32.09 17.17 -11.40
CA GLU A 551 32.90 16.15 -12.02
C GLU A 551 34.15 16.76 -12.62
N VAL A 552 34.03 17.97 -13.18
CA VAL A 552 35.20 18.62 -13.74
C VAL A 552 36.24 18.82 -12.65
N GLU A 553 35.80 19.26 -11.46
CA GLU A 553 36.74 19.47 -10.37
C GLU A 553 37.45 18.17 -10.03
N GLU A 554 36.74 17.05 -10.07
CA GLU A 554 37.36 15.79 -9.70
C GLU A 554 38.25 15.25 -10.80
N LEU A 555 38.03 15.65 -12.06
CA LEU A 555 38.80 15.09 -13.15
C LEU A 555 40.05 15.89 -13.50
N LYS A 556 40.03 17.21 -13.33
CA LYS A 556 41.22 18.01 -13.62
C LYS A 556 42.31 17.74 -12.58
N GLY A 557 43.56 17.73 -13.04
CA GLY A 557 44.69 17.44 -12.19
C GLY A 557 45.14 16.00 -12.23
N LYS A 558 44.24 15.08 -12.53
CA LYS A 558 44.55 13.66 -12.61
C LYS A 558 45.12 13.31 -13.98
N PRO A 559 46.02 12.32 -14.03
CA PRO A 559 46.50 11.83 -15.33
C PRO A 559 45.35 11.28 -16.16
N TYR A 560 45.53 11.33 -17.48
CA TYR A 560 44.45 10.94 -18.39
C TYR A 560 44.10 9.47 -18.24
N GLU A 561 45.12 8.61 -18.15
CA GLU A 561 44.90 7.17 -18.01
C GLU A 561 44.11 6.84 -16.75
N GLU A 562 44.33 7.58 -15.67
CA GLU A 562 43.68 7.29 -14.40
C GLU A 562 42.16 7.49 -14.43
N VAL A 563 41.66 8.48 -15.18
CA VAL A 563 40.24 8.77 -15.14
C VAL A 563 39.65 8.86 -16.54
N GLU A 564 40.18 8.05 -17.45
CA GLU A 564 39.69 8.08 -18.83
C GLU A 564 38.23 7.68 -18.89
N VAL A 565 37.85 6.65 -18.15
CA VAL A 565 36.48 6.18 -18.19
C VAL A 565 35.54 7.29 -17.71
N ARG A 566 35.92 7.96 -16.62
CA ARG A 566 35.02 8.99 -16.10
C ARG A 566 34.92 10.14 -17.09
N VAL A 567 36.00 10.37 -17.84
CA VAL A 567 35.98 11.44 -18.82
C VAL A 567 35.01 11.08 -19.92
N LYS A 568 35.14 9.86 -20.46
CA LYS A 568 34.25 9.48 -21.54
C LYS A 568 32.82 9.40 -21.04
N THR A 569 32.63 9.11 -19.76
CA THR A 569 31.28 9.10 -19.23
C THR A 569 30.71 10.50 -19.25
N LEU A 570 31.47 11.47 -18.77
CA LEU A 570 30.96 12.84 -18.77
C LEU A 570 30.64 13.28 -20.18
N GLU A 571 31.47 12.87 -21.16
CA GLU A 571 31.18 13.30 -22.52
C GLU A 571 29.91 12.64 -23.02
N GLY A 572 29.68 11.38 -22.63
CA GLY A 572 28.50 10.72 -23.13
C GLY A 572 27.24 11.27 -22.53
N MET A 573 27.35 11.94 -21.39
CA MET A 573 26.14 12.47 -20.79
C MET A 573 25.89 13.90 -21.20
N LEU A 574 26.88 14.57 -21.81
CA LEU A 574 26.78 16.02 -21.93
C LEU A 574 25.66 16.44 -22.87
N ARG A 575 25.58 15.82 -24.06
CA ARG A 575 24.61 16.27 -25.06
C ARG A 575 23.19 16.06 -24.59
N GLU A 576 22.90 14.89 -24.02
CA GLU A 576 21.55 14.67 -23.52
C GLU A 576 21.24 15.62 -22.38
N TRP A 577 22.24 15.87 -21.51
CA TRP A 577 22.05 16.85 -20.45
C TRP A 577 21.68 18.20 -21.02
N ILE A 578 22.39 18.64 -22.06
CA ILE A 578 22.08 19.91 -22.68
C ILE A 578 20.68 19.86 -23.29
N THR A 579 20.39 18.79 -24.01
CA THR A 579 19.06 18.66 -24.60
C THR A 579 17.99 18.70 -23.51
N ALA A 580 18.25 18.05 -22.37
CA ALA A 580 17.27 18.02 -21.30
C ALA A 580 17.24 19.31 -20.48
N GLY A 581 18.22 20.17 -20.64
CA GLY A 581 18.26 21.43 -19.94
C GLY A 581 18.94 21.35 -18.58
N GLU A 582 19.60 20.22 -18.30
CA GLU A 582 20.31 20.05 -17.04
C GLU A 582 21.59 20.90 -17.03
N VAL A 583 22.18 21.10 -18.20
CA VAL A 583 23.40 21.88 -18.34
C VAL A 583 23.17 22.93 -19.42
N ASP A 584 23.58 24.16 -19.16
CA ASP A 584 23.42 25.27 -20.08
C ASP A 584 24.57 25.28 -21.07
N GLU A 585 24.25 25.20 -22.37
CA GLU A 585 25.27 25.16 -23.41
C GLU A 585 25.93 26.52 -23.61
N LYS A 586 25.32 27.59 -23.12
CA LYS A 586 25.83 28.94 -23.25
C LYS A 586 26.95 29.24 -22.25
N GLU A 587 27.23 28.32 -21.34
CA GLU A 587 28.16 28.51 -20.22
C GLU A 587 29.44 27.70 -20.41
N ILE A 588 29.31 26.38 -20.54
CA ILE A 588 30.43 25.46 -20.38
C ILE A 588 31.51 25.63 -21.44
N PHE A 589 31.20 26.25 -22.58
CA PHE A 589 32.16 26.39 -23.66
C PHE A 589 32.85 27.74 -23.70
N LEU A 590 32.54 28.63 -22.75
CA LEU A 590 33.12 29.97 -22.73
C LEU A 590 34.64 29.93 -22.60
N GLU A 591 35.30 30.98 -23.10
CA GLU A 591 36.76 31.04 -23.13
C GLU A 591 37.36 30.92 -21.74
N GLY A 592 36.77 31.58 -20.75
CA GLY A 592 37.28 31.57 -19.39
C GLY A 592 36.70 30.49 -18.51
N SER A 593 35.96 29.55 -19.07
CA SER A 593 35.38 28.47 -18.29
C SER A 593 36.45 27.46 -17.89
N THR A 594 36.38 27.02 -16.63
CA THR A 594 37.31 26.01 -16.13
C THR A 594 37.25 24.76 -17.01
N PHE A 595 36.03 24.35 -17.39
CA PHE A 595 35.85 23.18 -18.22
C PHE A 595 36.55 23.33 -19.56
N ARG A 596 36.38 24.48 -20.22
CA ARG A 596 37.00 24.67 -21.53
C ARG A 596 38.52 24.73 -21.41
N LYS A 597 39.02 25.47 -20.42
CA LYS A 597 40.46 25.59 -20.22
C LYS A 597 41.09 24.23 -19.93
N TRP A 598 40.35 23.35 -19.24
CA TRP A 598 40.90 22.03 -18.96
C TRP A 598 40.74 21.12 -20.17
N TRP A 599 39.63 21.25 -20.89
CA TRP A 599 39.34 20.38 -22.02
C TRP A 599 40.38 20.55 -23.12
N ILE A 600 40.92 21.76 -23.27
CA ILE A 600 41.92 21.94 -24.32
C ILE A 600 43.21 21.21 -23.97
N THR A 601 43.55 21.15 -22.69
CA THR A 601 44.79 20.52 -22.23
C THR A 601 44.77 19.00 -22.32
N LEU A 602 43.63 18.39 -22.65
CA LEU A 602 43.59 16.96 -22.86
C LEU A 602 44.44 16.58 -24.07
N PRO A 603 44.94 15.34 -24.13
CA PRO A 603 45.71 14.91 -25.30
C PRO A 603 44.94 15.13 -26.58
N LYS A 604 45.68 15.46 -27.64
CA LYS A 604 45.03 15.80 -28.91
C LYS A 604 44.36 14.58 -29.53
N ASN A 605 44.83 13.37 -29.19
CA ASN A 605 44.21 12.17 -29.73
C ASN A 605 42.78 12.05 -29.22
N HIS A 606 42.53 12.50 -27.99
CA HIS A 606 41.17 12.44 -27.45
C HIS A 606 40.32 13.55 -28.03
N LYS A 607 40.86 14.78 -28.11
CA LYS A 607 40.08 15.92 -28.59
C LYS A 607 39.68 15.73 -30.04
N SER A 608 40.50 15.02 -30.82
CA SER A 608 40.24 14.83 -32.24
C SER A 608 38.95 14.06 -32.46
N HIS A 609 38.77 12.95 -31.74
CA HIS A 609 37.60 12.10 -31.87
C HIS A 609 36.59 12.30 -30.74
N SER A 610 36.62 13.45 -30.08
CA SER A 610 35.69 13.90 -29.05
C SER A 610 34.47 14.56 -29.69
N PRO A 611 33.28 14.35 -29.12
CA PRO A 611 32.06 14.99 -29.67
C PRO A 611 32.04 16.50 -29.53
N LEU A 612 32.99 17.09 -28.80
CA LEU A 612 32.99 18.52 -28.51
C LEU A 612 34.01 19.27 -29.37
N ARG A 613 34.69 18.58 -30.28
CA ARG A 613 35.68 19.23 -31.13
C ARG A 613 35.06 20.38 -31.93
N ASP A 614 33.84 20.19 -32.43
CA ASP A 614 33.19 21.16 -33.30
C ASP A 614 32.51 22.29 -32.51
N TYR A 615 32.74 22.37 -31.20
CA TYR A 615 32.10 23.37 -30.35
C TYR A 615 33.08 24.28 -29.62
N MET A 616 34.38 24.01 -29.69
CA MET A 616 35.38 24.86 -29.06
C MET A 616 36.64 24.96 -29.93
N GLN B 1 -14.50 -34.46 -3.95
CA GLN B 1 -14.20 -34.46 -2.53
C GLN B 1 -15.31 -33.80 -1.73
N VAL B 2 -15.60 -32.53 -2.04
CA VAL B 2 -16.61 -31.76 -1.33
C VAL B 2 -17.97 -32.02 -1.95
N GLN B 3 -18.96 -32.30 -1.10
CA GLN B 3 -20.33 -32.53 -1.56
C GLN B 3 -21.29 -32.13 -0.44
N LEU B 4 -22.58 -32.19 -0.75
CA LEU B 4 -23.64 -31.87 0.19
C LEU B 4 -24.36 -33.14 0.60
N GLN B 5 -25.17 -33.04 1.67
CA GLN B 5 -25.99 -34.16 2.11
C GLN B 5 -27.38 -33.65 2.48
N GLU B 6 -28.42 -34.37 2.02
CA GLU B 6 -29.80 -34.02 2.29
C GLU B 6 -30.53 -35.24 2.84
N SER B 7 -31.60 -34.99 3.59
CA SER B 7 -32.45 -36.03 4.15
C SER B 7 -33.67 -35.39 4.81
N GLY B 8 -34.78 -36.12 4.78
CA GLY B 8 -35.96 -35.69 5.52
C GLY B 8 -37.26 -35.78 4.74
N GLY B 9 -37.18 -35.88 3.42
CA GLY B 9 -38.37 -35.82 2.60
C GLY B 9 -39.32 -36.97 2.81
N GLY B 10 -40.51 -36.84 2.22
CA GLY B 10 -41.51 -37.89 2.34
C GLY B 10 -42.86 -37.45 1.82
N LEU B 11 -43.91 -38.02 2.41
CA LEU B 11 -45.28 -37.80 1.98
C LEU B 11 -46.19 -37.67 3.20
N VAL B 12 -46.93 -36.56 3.28
CA VAL B 12 -47.87 -36.30 4.36
C VAL B 12 -49.15 -35.77 3.75
N GLN B 13 -50.28 -35.99 4.43
CA GLN B 13 -51.53 -35.42 3.98
C GLN B 13 -51.58 -33.93 4.32
N ALA B 14 -52.70 -33.30 4.00
CA ALA B 14 -52.88 -31.88 4.29
C ALA B 14 -52.87 -31.63 5.79
N GLY B 15 -52.43 -30.44 6.17
CA GLY B 15 -52.38 -30.07 7.57
C GLY B 15 -51.40 -30.86 8.41
N GLY B 16 -50.35 -31.40 7.79
CA GLY B 16 -49.35 -32.17 8.48
C GLY B 16 -48.12 -31.35 8.84
N SER B 17 -47.12 -32.05 9.38
CA SER B 17 -45.86 -31.43 9.77
C SER B 17 -44.72 -32.31 9.27
N LEU B 18 -43.62 -31.67 8.84
CA LEU B 18 -42.46 -32.40 8.36
C LEU B 18 -41.20 -31.62 8.69
N ARG B 19 -40.16 -32.35 9.08
CA ARG B 19 -38.86 -31.78 9.42
C ARG B 19 -37.84 -32.24 8.38
N LEU B 20 -37.07 -31.28 7.85
CA LEU B 20 -36.03 -31.57 6.86
C LEU B 20 -34.67 -31.17 7.43
N SER B 21 -33.69 -32.06 7.29
CA SER B 21 -32.34 -31.81 7.73
C SER B 21 -31.42 -31.62 6.53
N CYS B 22 -30.23 -31.10 6.80
CA CYS B 22 -29.29 -30.74 5.73
C CYS B 22 -27.88 -30.83 6.31
N THR B 23 -27.19 -31.93 6.01
CA THR B 23 -25.83 -32.13 6.47
C THR B 23 -24.86 -31.35 5.59
N ALA B 24 -24.18 -30.37 6.18
CA ALA B 24 -23.23 -29.51 5.49
C ALA B 24 -21.81 -29.97 5.80
N SER B 25 -21.46 -31.15 5.28
CA SER B 25 -20.11 -31.68 5.39
C SER B 25 -19.34 -31.34 4.12
N GLY B 26 -18.05 -31.07 4.28
CA GLY B 26 -17.22 -30.74 3.13
C GLY B 26 -16.34 -29.54 3.34
N PHE B 27 -16.70 -28.41 2.72
CA PHE B 27 -15.89 -27.20 2.77
C PHE B 27 -16.76 -26.00 3.08
N THR B 28 -16.20 -25.08 3.88
CA THR B 28 -16.86 -23.84 4.31
C THR B 28 -18.22 -24.11 4.94
N PHE B 29 -18.26 -24.18 6.27
CA PHE B 29 -19.46 -24.54 6.99
C PHE B 29 -20.24 -23.33 7.48
N ASP B 30 -19.56 -22.36 8.10
CA ASP B 30 -20.23 -21.26 8.78
C ASP B 30 -20.17 -19.93 8.04
N SER B 31 -19.16 -19.72 7.20
CA SER B 31 -19.06 -18.47 6.46
C SER B 31 -20.21 -18.27 5.48
N TYR B 32 -20.96 -19.33 5.16
CA TYR B 32 -22.19 -19.24 4.38
C TYR B 32 -23.39 -19.17 5.32
N HIS B 33 -24.45 -18.51 4.86
CA HIS B 33 -25.78 -18.83 5.39
C HIS B 33 -26.18 -20.17 4.80
N MET B 34 -27.41 -20.58 5.09
CA MET B 34 -28.03 -21.67 4.36
C MET B 34 -29.50 -21.34 4.16
N GLY B 35 -30.04 -21.71 3.00
CA GLY B 35 -31.42 -21.41 2.70
C GLY B 35 -32.12 -22.49 1.91
N TRP B 36 -33.29 -22.92 2.39
CA TRP B 36 -34.11 -23.88 1.66
C TRP B 36 -34.86 -23.18 0.53
N PHE B 37 -34.79 -23.78 -0.65
CA PHE B 37 -35.63 -23.48 -1.80
C PHE B 37 -36.44 -24.71 -2.14
N ARG B 38 -37.54 -24.51 -2.87
CA ARG B 38 -38.34 -25.62 -3.35
C ARG B 38 -38.60 -25.44 -4.85
N ARG B 39 -38.57 -26.55 -5.58
CA ARG B 39 -38.85 -26.56 -7.01
C ARG B 39 -39.93 -27.58 -7.27
N ALA B 40 -41.07 -27.12 -7.80
CA ALA B 40 -42.16 -28.01 -8.17
C ALA B 40 -42.24 -28.08 -9.68
N PRO B 41 -42.13 -29.27 -10.29
CA PRO B 41 -42.27 -29.37 -11.75
C PRO B 41 -43.55 -28.73 -12.24
N GLY B 42 -43.41 -27.59 -12.91
CA GLY B 42 -44.52 -26.73 -13.27
C GLY B 42 -44.45 -25.36 -12.65
N LYS B 43 -43.72 -25.20 -11.55
CA LYS B 43 -43.46 -23.91 -10.93
C LYS B 43 -41.96 -23.67 -10.87
N GLU B 44 -41.57 -22.40 -10.89
CA GLU B 44 -40.16 -22.07 -10.85
C GLU B 44 -39.57 -22.38 -9.48
N ARG B 45 -38.24 -22.52 -9.46
CA ARG B 45 -37.51 -22.84 -8.22
C ARG B 45 -37.46 -21.57 -7.37
N GLU B 46 -38.58 -21.28 -6.72
CA GLU B 46 -38.71 -20.06 -5.92
C GLU B 46 -37.93 -20.23 -4.62
N PHE B 47 -38.05 -19.23 -3.74
CA PHE B 47 -37.35 -19.21 -2.46
C PHE B 47 -38.29 -19.58 -1.34
N VAL B 48 -37.78 -20.33 -0.36
CA VAL B 48 -38.58 -20.75 0.78
C VAL B 48 -38.15 -19.97 2.01
N ALA B 49 -36.95 -20.24 2.53
CA ALA B 49 -36.55 -19.56 3.77
C ALA B 49 -35.07 -19.80 4.04
N ALA B 50 -34.36 -18.75 4.43
CA ALA B 50 -32.93 -18.80 4.68
C ALA B 50 -32.61 -18.29 6.08
N VAL B 51 -31.38 -18.58 6.53
CA VAL B 51 -30.91 -18.12 7.83
C VAL B 51 -29.39 -18.22 7.85
N SER B 52 -28.77 -17.37 8.66
CA SER B 52 -27.32 -17.28 8.75
C SER B 52 -26.78 -18.22 9.82
N ARG B 53 -25.58 -18.74 9.56
CA ARG B 53 -24.86 -19.52 10.57
C ARG B 53 -23.93 -18.63 11.40
N VAL B 54 -24.52 -17.53 11.88
CA VAL B 54 -23.86 -16.59 12.78
C VAL B 54 -24.94 -15.67 13.32
N THR B 55 -25.99 -15.47 12.52
CA THR B 55 -27.12 -14.63 12.88
C THR B 55 -28.37 -15.50 12.96
N TRP B 56 -28.97 -15.57 14.15
CA TRP B 56 -30.18 -16.35 14.34
C TRP B 56 -31.35 -15.83 13.52
N LEU B 57 -31.24 -14.61 12.99
CA LEU B 57 -32.34 -13.98 12.26
C LEU B 57 -32.74 -14.81 11.05
N ILE B 58 -34.01 -15.20 11.00
CA ILE B 58 -34.55 -16.07 9.97
C ILE B 58 -35.31 -15.23 8.96
N ASP B 59 -34.95 -15.34 7.68
CA ASP B 59 -35.74 -14.75 6.61
C ASP B 59 -36.63 -15.84 6.03
N ILE B 60 -37.92 -15.55 5.91
CA ILE B 60 -38.90 -16.52 5.43
C ILE B 60 -39.66 -15.88 4.27
N ALA B 61 -39.64 -16.53 3.11
CA ALA B 61 -40.35 -16.02 1.95
C ALA B 61 -41.85 -16.01 2.20
N ASP B 62 -42.55 -15.13 1.49
CA ASP B 62 -43.97 -14.90 1.75
C ASP B 62 -44.83 -16.10 1.34
N SER B 63 -44.39 -16.87 0.34
CA SER B 63 -45.20 -17.99 -0.12
C SER B 63 -45.36 -19.06 0.96
N VAL B 64 -44.39 -19.16 1.87
CA VAL B 64 -44.40 -20.15 2.94
C VAL B 64 -44.40 -19.50 4.31
N LYS B 65 -44.49 -18.17 4.37
CA LYS B 65 -44.33 -17.46 5.64
C LYS B 65 -45.47 -17.81 6.59
N GLY B 66 -45.17 -17.69 7.89
CA GLY B 66 -46.14 -17.99 8.93
C GLY B 66 -46.31 -19.46 9.24
N ARG B 67 -45.87 -20.36 8.36
CA ARG B 67 -46.05 -21.79 8.54
C ARG B 67 -44.75 -22.56 8.67
N PHE B 68 -43.62 -21.98 8.26
CA PHE B 68 -42.33 -22.66 8.23
C PHE B 68 -41.42 -22.07 9.30
N THR B 69 -40.42 -22.85 9.71
CA THR B 69 -39.50 -22.40 10.75
C THR B 69 -38.13 -23.04 10.51
N ILE B 70 -37.08 -22.25 10.74
CA ILE B 70 -35.72 -22.72 10.56
C ILE B 70 -35.01 -22.76 11.91
N SER B 71 -33.97 -23.59 11.98
CA SER B 71 -33.12 -23.66 13.16
C SER B 71 -31.69 -23.99 12.72
N ARG B 72 -30.74 -23.62 13.57
CA ARG B 72 -29.32 -23.66 13.26
C ARG B 72 -28.58 -24.54 14.27
N ASP B 73 -27.60 -25.30 13.80
CA ASP B 73 -26.68 -25.99 14.72
C ASP B 73 -25.32 -26.09 14.05
N ASN B 74 -24.36 -25.27 14.49
CA ASN B 74 -23.03 -25.31 13.92
C ASN B 74 -22.24 -26.53 14.36
N ALA B 75 -22.56 -27.11 15.53
CA ALA B 75 -21.84 -28.28 16.01
C ALA B 75 -21.89 -29.42 15.00
N LYS B 76 -23.10 -29.83 14.62
CA LYS B 76 -23.29 -30.80 13.55
C LYS B 76 -23.32 -30.14 12.18
N ASN B 77 -23.02 -28.85 12.10
CA ASN B 77 -23.14 -28.02 10.90
C ASN B 77 -24.36 -28.42 10.07
N THR B 78 -25.54 -28.03 10.54
CA THR B 78 -26.79 -28.47 9.95
C THR B 78 -27.87 -27.42 10.19
N VAL B 79 -28.63 -27.15 9.13
CA VAL B 79 -29.81 -26.30 9.19
C VAL B 79 -31.05 -27.18 9.13
N TYR B 80 -31.99 -26.97 10.04
CA TYR B 80 -33.23 -27.71 10.08
C TYR B 80 -34.37 -26.81 9.63
N LEU B 81 -35.31 -27.37 8.88
CA LEU B 81 -36.52 -26.67 8.47
C LEU B 81 -37.73 -27.51 8.86
N GLU B 82 -38.53 -27.04 9.80
CA GLU B 82 -39.75 -27.71 10.20
C GLU B 82 -40.95 -26.91 9.72
N MET B 83 -41.91 -27.60 9.11
CA MET B 83 -43.11 -26.97 8.58
C MET B 83 -44.33 -27.69 9.11
N ASN B 84 -45.40 -26.92 9.32
CA ASN B 84 -46.65 -27.47 9.80
C ASN B 84 -47.81 -26.79 9.06
N SER B 85 -49.00 -27.33 9.24
CA SER B 85 -50.20 -26.85 8.56
C SER B 85 -50.00 -26.79 7.05
N LEU B 86 -49.45 -27.87 6.50
CA LEU B 86 -49.16 -27.94 5.08
C LEU B 86 -50.45 -27.99 4.26
N LYS B 87 -50.33 -27.59 3.01
CA LYS B 87 -51.43 -27.51 2.06
C LYS B 87 -50.99 -28.15 0.75
N PRO B 88 -51.95 -28.59 -0.09
CA PRO B 88 -51.60 -29.38 -1.28
C PRO B 88 -50.57 -28.73 -2.20
N GLU B 89 -50.41 -27.41 -2.09
CA GLU B 89 -49.49 -26.68 -2.98
C GLU B 89 -48.04 -26.76 -2.53
N ASP B 90 -47.75 -27.44 -1.43
CA ASP B 90 -46.39 -27.53 -0.90
C ASP B 90 -45.58 -28.65 -1.54
N THR B 91 -46.15 -29.40 -2.47
CA THR B 91 -45.45 -30.51 -3.11
C THR B 91 -44.32 -29.97 -3.99
N ALA B 92 -43.09 -30.41 -3.72
CA ALA B 92 -41.92 -29.98 -4.49
C ALA B 92 -40.71 -30.77 -4.02
N GLN B 93 -39.61 -30.62 -4.76
CA GLN B 93 -38.30 -31.11 -4.32
C GLN B 93 -37.58 -29.93 -3.66
N TYR B 94 -37.16 -30.13 -2.42
CA TYR B 94 -36.54 -29.08 -1.62
C TYR B 94 -35.03 -29.24 -1.64
N PHE B 95 -34.33 -28.13 -1.89
CA PHE B 95 -32.88 -28.08 -1.89
C PHE B 95 -32.43 -27.08 -0.83
N CYS B 96 -31.53 -27.51 0.04
CA CYS B 96 -30.93 -26.59 1.02
C CYS B 96 -29.68 -25.99 0.40
N ALA B 97 -29.87 -24.90 -0.33
CA ALA B 97 -28.76 -24.23 -0.99
C ALA B 97 -27.93 -23.45 0.03
N ALA B 98 -26.74 -23.04 -0.39
CA ALA B 98 -25.85 -22.25 0.44
C ALA B 98 -26.21 -20.76 0.35
N SER B 99 -27.47 -20.48 0.71
CA SER B 99 -28.04 -19.13 0.65
C SER B 99 -27.84 -18.49 -0.72
N GLN B 109 -25.57 -16.75 -2.50
CA GLN B 109 -24.18 -17.11 -2.70
C GLN B 109 -23.99 -18.63 -2.69
N TYR B 110 -24.76 -19.31 -3.53
CA TYR B 110 -24.78 -20.77 -3.53
C TYR B 110 -23.38 -21.33 -3.71
N ASP B 111 -23.04 -22.32 -2.89
CA ASP B 111 -21.77 -23.01 -3.01
C ASP B 111 -21.83 -24.05 -4.12
N TYR B 112 -22.89 -24.84 -4.15
CA TYR B 112 -23.09 -25.88 -5.16
C TYR B 112 -24.58 -26.20 -5.19
N TRP B 113 -24.93 -27.26 -5.90
CA TRP B 113 -26.31 -27.74 -5.99
C TRP B 113 -26.33 -29.24 -5.73
N GLY B 114 -26.85 -29.63 -4.57
CA GLY B 114 -26.93 -31.03 -4.20
C GLY B 114 -28.05 -31.76 -4.91
N GLN B 115 -28.60 -32.77 -4.24
CA GLN B 115 -29.66 -33.59 -4.81
C GLN B 115 -31.06 -33.20 -4.34
N GLY B 116 -31.19 -32.74 -3.09
CA GLY B 116 -32.48 -32.36 -2.57
C GLY B 116 -33.27 -33.55 -2.06
N THR B 117 -34.46 -33.27 -1.53
CA THR B 117 -35.34 -34.31 -1.01
C THR B 117 -36.77 -34.04 -1.47
N GLN B 118 -37.49 -35.12 -1.77
CA GLN B 118 -38.87 -34.99 -2.21
C GLN B 118 -39.78 -34.65 -1.03
N VAL B 119 -40.81 -33.85 -1.29
CA VAL B 119 -41.85 -33.54 -0.31
C VAL B 119 -43.18 -33.53 -1.03
N THR B 120 -44.10 -34.40 -0.62
CA THR B 120 -45.41 -34.51 -1.25
C THR B 120 -46.50 -34.42 -0.20
N VAL B 121 -47.59 -33.76 -0.54
CA VAL B 121 -48.73 -33.60 0.35
C VAL B 121 -50.00 -34.05 -0.36
N SER B 122 -50.71 -34.98 0.27
CA SER B 122 -51.95 -35.51 -0.26
C SER B 122 -53.14 -34.64 0.14
N SER B 123 -54.17 -34.64 -0.69
CA SER B 123 -55.35 -33.82 -0.47
C SER B 123 -56.13 -34.29 0.76
N ALA B 124 -56.71 -35.48 0.68
CA ALA B 124 -57.50 -36.04 1.77
C ALA B 124 -57.23 -37.53 1.86
N ALA B 125 -58.00 -38.21 2.71
CA ALA B 125 -57.84 -39.64 2.90
C ALA B 125 -59.02 -40.41 2.29
#